data_1IUG
#
_entry.id   1IUG
#
_cell.length_a   92.849
_cell.length_b   135.330
_cell.length_c   133.500
_cell.angle_alpha   90.00
_cell.angle_beta   90.00
_cell.angle_gamma   90.00
#
_symmetry.space_group_name_H-M   'C 2 2 21'
#
loop_
_entity.id
_entity.type
_entity.pdbx_description
1 polymer 'putative aspartate aminotransferase'
2 non-polymer 'PHOSPHATE ION'
3 water water
#
_entity_poly.entity_id   1
_entity_poly.type   'polypeptide(L)'
_entity_poly.pdbx_seq_one_letter_code
;MDWLLTPGPVRLHPKALEALARPQLHHRTEAAREVFLKARGLLREAFRTEGEVLILTGSGTLAMEALVKNLFAPGERVLV
PVYGKFSERFYEIALEAGLVVERLDYPYGDTPRPEDVAKEGYAGLLLVHSETSTGALADLPALARAFKEKNPEGLVGADM
VTSLLVGEVALEAMGVDAAASGSQ(LLP)GLMCPPGLGFVALSPRALERLKPRGYYLDLARELKAQKEGESAWTPAINLV
LAVAAVLEEVLPRLEEHLALKAWQNALLYGVGEEGGLRPVPKRFSPAVAAFYLPEGVPYARVKEAFAQRGAVIAGGQGPL
KGKVFRLSLMGAYDRYEALGVAGMFREVLEEILPAS
;
_entity_poly.pdbx_strand_id   A,B
#
loop_
_chem_comp.id
_chem_comp.type
_chem_comp.name
_chem_comp.formula
PO4 non-polymer 'PHOSPHATE ION' 'O4 P -3'
#
# COMPACT_ATOMS: atom_id res chain seq x y z
N ASP A 2 3.72 -1.87 25.53
CA ASP A 2 2.90 -3.07 25.63
C ASP A 2 1.41 -2.81 25.47
N TRP A 3 0.93 -1.76 26.13
CA TRP A 3 -0.48 -1.42 26.06
C TRP A 3 -0.75 -0.34 25.00
N LEU A 4 -1.06 -0.78 23.80
CA LEU A 4 -1.35 0.16 22.71
C LEU A 4 -2.82 0.55 22.85
N LEU A 5 -3.06 1.82 23.17
CA LEU A 5 -4.42 2.31 23.36
C LEU A 5 -4.81 3.40 22.36
N THR A 6 -4.16 3.39 21.20
CA THR A 6 -4.44 4.36 20.15
C THR A 6 -5.48 3.81 19.17
N PRO A 7 -6.31 4.69 18.60
CA PRO A 7 -7.35 4.29 17.65
C PRO A 7 -6.78 4.00 16.26
N GLY A 8 -5.70 3.21 16.22
CA GLY A 8 -5.07 2.87 14.95
C GLY A 8 -3.67 3.44 14.81
N PRO A 9 -2.65 2.57 14.66
CA PRO A 9 -2.74 1.11 14.63
C PRO A 9 -3.20 0.55 15.97
N VAL A 10 -3.59 -0.72 15.97
CA VAL A 10 -4.07 -1.35 17.20
C VAL A 10 -3.31 -2.61 17.58
N ARG A 11 -3.68 -3.13 18.74
CA ARG A 11 -3.16 -4.36 19.33
C ARG A 11 -3.62 -5.45 18.38
N LEU A 12 -2.67 -6.21 17.85
CA LEU A 12 -2.98 -7.27 16.89
C LEU A 12 -3.65 -8.52 17.41
N HIS A 13 -4.58 -9.03 16.60
CA HIS A 13 -5.29 -10.25 16.93
C HIS A 13 -4.30 -11.40 16.76
N PRO A 14 -4.32 -12.38 17.67
CA PRO A 14 -3.42 -13.55 17.64
C PRO A 14 -3.39 -14.27 16.27
N LYS A 15 -4.54 -14.37 15.61
CA LYS A 15 -4.62 -15.02 14.30
C LYS A 15 -3.83 -14.26 13.24
N ALA A 16 -3.69 -12.95 13.42
CA ALA A 16 -2.95 -12.11 12.47
C ALA A 16 -1.45 -12.40 12.52
N LEU A 17 -0.92 -12.57 13.73
CA LEU A 17 0.50 -12.87 13.93
C LEU A 17 0.86 -14.24 13.36
N GLU A 18 -0.08 -15.18 13.44
CA GLU A 18 0.15 -16.53 12.89
C GLU A 18 0.26 -16.44 11.38
N ALA A 19 -0.67 -15.70 10.77
CA ALA A 19 -0.72 -15.52 9.33
C ALA A 19 0.55 -14.88 8.78
N LEU A 20 1.09 -13.90 9.51
CA LEU A 20 2.29 -13.20 9.11
C LEU A 20 3.56 -14.06 9.19
N ALA A 21 3.49 -15.14 9.97
CA ALA A 21 4.62 -16.05 10.14
C ALA A 21 4.70 -17.09 9.02
N ARG A 22 3.63 -17.21 8.24
CA ARG A 22 3.57 -18.16 7.13
C ARG A 22 4.55 -17.79 6.02
N PRO A 23 5.13 -18.80 5.35
CA PRO A 23 6.09 -18.55 4.26
C PRO A 23 5.40 -17.79 3.13
N GLN A 24 6.18 -17.02 2.39
CA GLN A 24 5.66 -16.21 1.28
C GLN A 24 4.96 -17.01 0.18
N LEU A 25 3.77 -16.55 -0.20
CA LEU A 25 2.98 -17.19 -1.26
C LEU A 25 3.02 -16.31 -2.51
N HIS A 26 3.02 -16.94 -3.68
CA HIS A 26 3.00 -16.19 -4.92
C HIS A 26 1.52 -15.87 -5.17
N HIS A 27 1.24 -14.61 -5.47
CA HIS A 27 -0.13 -14.13 -5.69
C HIS A 27 -0.91 -14.73 -6.88
N ARG A 28 -0.20 -15.43 -7.77
CA ARG A 28 -0.84 -16.04 -8.93
C ARG A 28 -1.10 -17.55 -8.77
N THR A 29 -0.66 -18.12 -7.65
CA THR A 29 -0.88 -19.54 -7.41
C THR A 29 -2.35 -19.73 -7.05
N GLU A 30 -2.89 -20.93 -7.29
CA GLU A 30 -4.29 -21.21 -7.00
C GLU A 30 -4.64 -21.02 -5.52
N ALA A 31 -3.65 -21.26 -4.65
CA ALA A 31 -3.84 -21.10 -3.21
C ALA A 31 -4.10 -19.64 -2.85
N ALA A 32 -3.36 -18.75 -3.50
CA ALA A 32 -3.48 -17.31 -3.28
C ALA A 32 -4.81 -16.79 -3.79
N ARG A 33 -5.21 -17.25 -4.97
CA ARG A 33 -6.48 -16.85 -5.60
C ARG A 33 -7.63 -17.11 -4.63
N GLU A 34 -7.69 -18.35 -4.13
CA GLU A 34 -8.74 -18.77 -3.21
C GLU A 34 -8.77 -17.97 -1.93
N VAL A 35 -7.60 -17.66 -1.38
CA VAL A 35 -7.54 -16.87 -0.14
C VAL A 35 -8.05 -15.46 -0.45
N PHE A 36 -7.63 -14.93 -1.60
CA PHE A 36 -8.06 -13.59 -2.01
C PHE A 36 -9.57 -13.56 -2.18
N LEU A 37 -10.10 -14.53 -2.92
CA LEU A 37 -11.55 -14.64 -3.13
C LEU A 37 -12.27 -14.84 -1.80
N LYS A 38 -11.64 -15.58 -0.90
CA LYS A 38 -12.19 -15.85 0.42
C LYS A 38 -12.33 -14.51 1.16
N ALA A 39 -11.27 -13.71 1.14
CA ALA A 39 -11.28 -12.40 1.80
C ALA A 39 -12.35 -11.50 1.18
N ARG A 40 -12.43 -11.51 -0.15
CA ARG A 40 -13.41 -10.71 -0.91
C ARG A 40 -14.80 -11.00 -0.32
N GLY A 41 -15.13 -12.30 -0.27
CA GLY A 41 -16.41 -12.77 0.25
C GLY A 41 -16.71 -12.42 1.69
N LEU A 42 -15.70 -12.51 2.55
CA LEU A 42 -15.88 -12.20 3.96
C LEU A 42 -16.11 -10.69 4.18
N LEU A 43 -15.38 -9.86 3.45
CA LEU A 43 -15.52 -8.40 3.57
C LEU A 43 -16.89 -8.00 3.05
N ARG A 44 -17.39 -8.81 2.13
CA ARG A 44 -18.70 -8.66 1.50
C ARG A 44 -19.76 -8.78 2.61
N GLU A 45 -19.63 -9.80 3.44
CA GLU A 45 -20.54 -10.03 4.56
C GLU A 45 -20.36 -8.96 5.61
N ALA A 46 -19.10 -8.61 5.90
CA ALA A 46 -18.79 -7.60 6.90
C ALA A 46 -19.41 -6.25 6.57
N PHE A 47 -19.42 -5.89 5.29
CA PHE A 47 -20.00 -4.62 4.85
C PHE A 47 -21.52 -4.65 4.67
N ARG A 48 -22.09 -5.85 4.63
CA ARG A 48 -23.54 -6.01 4.46
C ARG A 48 -23.95 -5.43 3.12
N THR A 49 -23.43 -6.01 2.04
CA THR A 49 -23.76 -5.53 0.72
C THR A 49 -23.90 -6.67 -0.27
N GLU A 50 -24.68 -6.43 -1.32
CA GLU A 50 -24.88 -7.41 -2.37
C GLU A 50 -23.88 -7.07 -3.48
N GLY A 51 -23.14 -5.99 -3.27
CA GLY A 51 -22.15 -5.52 -4.23
C GLY A 51 -20.79 -6.19 -4.13
N GLU A 52 -19.75 -5.43 -4.44
CA GLU A 52 -18.39 -5.95 -4.42
C GLU A 52 -17.47 -5.14 -3.52
N VAL A 53 -16.49 -5.81 -2.93
CA VAL A 53 -15.51 -5.14 -2.09
C VAL A 53 -14.15 -5.34 -2.74
N LEU A 54 -13.46 -4.23 -2.98
CA LEU A 54 -12.14 -4.28 -3.60
C LEU A 54 -11.04 -4.09 -2.57
N ILE A 55 -10.00 -4.92 -2.66
CA ILE A 55 -8.86 -4.86 -1.75
C ILE A 55 -7.73 -4.08 -2.42
N LEU A 56 -7.34 -2.98 -1.80
CA LEU A 56 -6.26 -2.13 -2.34
C LEU A 56 -5.05 -2.15 -1.43
N THR A 57 -3.87 -2.16 -2.01
CA THR A 57 -2.65 -2.16 -1.24
C THR A 57 -2.24 -0.72 -0.98
N GLY A 58 -2.48 -0.27 0.24
CA GLY A 58 -2.19 1.08 0.64
C GLY A 58 -2.97 1.39 1.92
N SER A 59 -2.87 2.61 2.43
CA SER A 59 -3.59 2.96 3.64
C SER A 59 -5.06 3.30 3.37
N GLY A 60 -5.79 3.57 4.45
CA GLY A 60 -7.21 3.90 4.34
C GLY A 60 -7.46 5.11 3.46
N THR A 61 -6.59 6.11 3.53
CA THR A 61 -6.72 7.34 2.75
C THR A 61 -6.77 7.02 1.25
N LEU A 62 -5.98 6.03 0.83
CA LEU A 62 -5.96 5.61 -0.58
C LEU A 62 -7.34 5.14 -1.03
N ALA A 63 -8.01 4.38 -0.16
CA ALA A 63 -9.34 3.86 -0.44
C ALA A 63 -10.36 5.01 -0.56
N MET A 64 -10.18 6.05 0.26
CA MET A 64 -11.07 7.22 0.23
C MET A 64 -10.93 7.96 -1.09
N GLU A 65 -9.70 8.12 -1.55
CA GLU A 65 -9.41 8.79 -2.82
C GLU A 65 -9.95 8.01 -4.00
N ALA A 66 -9.79 6.68 -3.96
CA ALA A 66 -10.26 5.82 -5.05
C ALA A 66 -11.78 5.86 -5.17
N LEU A 67 -12.46 5.92 -4.01
CA LEU A 67 -13.91 5.98 -3.96
C LEU A 67 -14.40 7.24 -4.67
N VAL A 68 -13.83 8.38 -4.26
CA VAL A 68 -14.19 9.68 -4.81
C VAL A 68 -13.91 9.81 -6.30
N LYS A 69 -12.69 9.44 -6.70
CA LYS A 69 -12.24 9.50 -8.09
C LYS A 69 -13.08 8.65 -9.04
N ASN A 70 -13.43 7.45 -8.61
CA ASN A 70 -14.17 6.53 -9.45
C ASN A 70 -15.69 6.63 -9.48
N LEU A 71 -16.25 7.53 -8.69
CA LEU A 71 -17.70 7.72 -8.65
C LEU A 71 -18.13 9.12 -9.04
N PHE A 72 -17.19 10.06 -9.06
CA PHE A 72 -17.48 11.43 -9.41
C PHE A 72 -16.50 11.94 -10.46
N ALA A 73 -17.04 12.54 -11.51
CA ALA A 73 -16.23 13.10 -12.59
C ALA A 73 -15.94 14.57 -12.28
N PRO A 74 -14.86 15.13 -12.87
CA PRO A 74 -14.49 16.52 -12.63
C PRO A 74 -15.62 17.50 -12.96
N GLY A 75 -15.82 18.48 -12.09
CA GLY A 75 -16.88 19.46 -12.29
C GLY A 75 -18.18 19.18 -11.56
N GLU A 76 -18.36 17.94 -11.09
CA GLU A 76 -19.58 17.57 -10.37
C GLU A 76 -19.72 18.20 -8.98
N ARG A 77 -20.97 18.48 -8.61
CA ARG A 77 -21.36 19.09 -7.35
C ARG A 77 -21.43 18.08 -6.20
N VAL A 78 -20.65 18.29 -5.15
CA VAL A 78 -20.68 17.40 -3.99
C VAL A 78 -20.74 18.15 -2.68
N LEU A 79 -21.51 17.62 -1.75
CA LEU A 79 -21.69 18.21 -0.44
C LEU A 79 -20.81 17.45 0.57
N VAL A 80 -19.93 18.16 1.25
CA VAL A 80 -19.04 17.55 2.24
C VAL A 80 -19.07 18.25 3.60
N PRO A 81 -19.74 17.65 4.58
CA PRO A 81 -19.83 18.23 5.93
C PRO A 81 -18.48 18.00 6.61
N VAL A 82 -18.01 19.00 7.34
CA VAL A 82 -16.74 18.88 8.04
C VAL A 82 -16.94 19.09 9.53
N TYR A 83 -16.56 18.07 10.31
CA TYR A 83 -16.70 18.10 11.75
C TYR A 83 -15.55 17.36 12.45
N GLY A 84 -14.45 17.22 11.74
CA GLY A 84 -13.30 16.56 12.30
C GLY A 84 -12.16 16.43 11.32
N LYS A 85 -11.08 15.83 11.79
CA LYS A 85 -9.86 15.61 11.00
C LYS A 85 -10.14 14.83 9.72
N PHE A 86 -10.86 13.72 9.83
CA PHE A 86 -11.13 12.88 8.67
C PHE A 86 -12.18 13.37 7.68
N SER A 87 -13.20 14.08 8.16
CA SER A 87 -14.20 14.63 7.24
C SER A 87 -13.48 15.79 6.52
N GLU A 88 -12.68 16.45 7.35
CA GLU A 88 -11.90 17.49 6.81
C GLU A 88 -11.26 16.80 5.67
N ARG A 89 -10.59 15.73 6.00
CA ARG A 89 -9.85 14.91 5.05
C ARG A 89 -10.56 14.61 3.73
N PHE A 90 -11.81 14.25 3.79
CA PHE A 90 -12.59 13.99 2.62
C PHE A 90 -12.76 15.21 1.68
N TYR A 91 -12.90 16.39 2.31
CA TYR A 91 -13.04 17.66 1.64
C TYR A 91 -11.85 17.94 0.73
N GLU A 92 -10.65 17.78 1.27
CA GLU A 92 -9.41 18.01 0.51
C GLU A 92 -9.30 17.04 -0.67
N ILE A 93 -9.67 15.79 -0.45
CA ILE A 93 -9.65 14.78 -1.51
C ILE A 93 -10.60 15.18 -2.64
N ALA A 94 -11.77 15.70 -2.27
CA ALA A 94 -12.77 16.14 -3.24
C ALA A 94 -12.25 17.31 -4.08
N LEU A 95 -11.54 18.23 -3.42
CA LEU A 95 -10.96 19.37 -4.11
C LEU A 95 -9.93 18.91 -5.13
N GLU A 96 -8.96 18.10 -4.69
CA GLU A 96 -7.91 17.60 -5.58
C GLU A 96 -8.49 16.78 -6.73
N ALA A 97 -9.63 16.13 -6.50
CA ALA A 97 -10.28 15.32 -7.53
C ALA A 97 -10.99 16.20 -8.57
N GLY A 98 -10.89 17.53 -8.39
CA GLY A 98 -11.52 18.46 -9.33
C GLY A 98 -13.02 18.58 -9.22
N LEU A 99 -13.55 18.58 -8.01
CA LEU A 99 -14.99 18.68 -7.78
C LEU A 99 -15.36 20.02 -7.16
N VAL A 100 -16.60 20.44 -7.39
CA VAL A 100 -17.11 21.68 -6.82
C VAL A 100 -17.65 21.26 -5.45
N VAL A 101 -16.98 21.73 -4.40
CA VAL A 101 -17.34 21.33 -3.04
C VAL A 101 -17.97 22.34 -2.09
N GLU A 102 -19.15 21.98 -1.57
CA GLU A 102 -19.82 22.81 -0.58
C GLU A 102 -19.36 22.24 0.75
N ARG A 103 -18.69 23.08 1.52
CA ARG A 103 -18.13 22.70 2.81
C ARG A 103 -18.94 23.30 3.96
N LEU A 104 -19.62 22.45 4.72
CA LEU A 104 -20.41 22.89 5.87
C LEU A 104 -19.68 22.56 7.18
N ASP A 105 -19.19 23.59 7.86
CA ASP A 105 -18.45 23.43 9.11
C ASP A 105 -19.27 23.22 10.37
N TYR A 106 -18.82 22.29 11.20
CA TYR A 106 -19.44 21.99 12.48
C TYR A 106 -18.35 21.97 13.52
N PRO A 107 -18.68 22.36 14.76
CA PRO A 107 -17.68 22.36 15.82
C PRO A 107 -17.19 20.92 16.03
N TYR A 108 -15.88 20.75 16.22
CA TYR A 108 -15.33 19.41 16.45
C TYR A 108 -16.06 18.78 17.64
N GLY A 109 -16.64 17.62 17.41
CA GLY A 109 -17.39 16.93 18.45
C GLY A 109 -18.84 16.79 18.06
N ASP A 110 -19.27 17.62 17.11
CA ASP A 110 -20.64 17.62 16.60
C ASP A 110 -20.77 16.79 15.33
N THR A 111 -22.01 16.53 14.94
CA THR A 111 -22.31 15.78 13.73
C THR A 111 -23.40 16.49 12.95
N PRO A 112 -23.47 16.27 11.63
CA PRO A 112 -24.47 16.90 10.77
C PRO A 112 -25.91 16.50 11.09
N ARG A 113 -26.83 17.43 10.87
CA ARG A 113 -28.26 17.18 11.08
C ARG A 113 -28.81 16.78 9.72
N PRO A 114 -29.79 15.85 9.68
CA PRO A 114 -30.38 15.40 8.41
C PRO A 114 -30.96 16.58 7.60
N GLU A 115 -31.41 17.61 8.31
CA GLU A 115 -32.00 18.79 7.68
C GLU A 115 -30.93 19.65 6.99
N ASP A 116 -29.69 19.54 7.43
CA ASP A 116 -28.60 20.31 6.85
C ASP A 116 -28.15 19.81 5.49
N VAL A 117 -28.32 18.52 5.24
CA VAL A 117 -27.92 17.92 3.96
C VAL A 117 -29.08 17.73 3.00
N ALA A 118 -30.28 18.12 3.41
CA ALA A 118 -31.45 18.00 2.55
C ALA A 118 -31.46 19.17 1.56
N LYS A 119 -30.47 19.18 0.68
CA LYS A 119 -30.27 20.20 -0.35
C LYS A 119 -30.42 19.58 -1.73
N GLU A 120 -31.15 20.24 -2.62
CA GLU A 120 -31.30 19.72 -3.98
C GLU A 120 -30.20 20.33 -4.84
N GLY A 121 -29.75 19.59 -5.85
CA GLY A 121 -28.72 20.10 -6.75
C GLY A 121 -27.33 19.50 -6.63
N TYR A 122 -27.17 18.46 -5.82
CA TYR A 122 -25.85 17.84 -5.63
C TYR A 122 -25.81 16.42 -6.17
N ALA A 123 -24.69 16.09 -6.79
CA ALA A 123 -24.47 14.76 -7.36
C ALA A 123 -24.10 13.75 -6.26
N GLY A 124 -23.54 14.25 -5.16
CA GLY A 124 -23.14 13.37 -4.09
C GLY A 124 -22.94 13.98 -2.71
N LEU A 125 -22.89 13.12 -1.71
CA LEU A 125 -22.68 13.47 -0.31
C LEU A 125 -21.59 12.54 0.23
N LEU A 126 -20.61 13.12 0.92
CA LEU A 126 -19.53 12.33 1.49
C LEU A 126 -19.61 12.47 2.99
N LEU A 127 -19.69 11.34 3.68
CA LEU A 127 -19.80 11.34 5.14
C LEU A 127 -18.80 10.45 5.83
N VAL A 128 -18.41 10.85 7.03
CA VAL A 128 -17.50 10.06 7.86
C VAL A 128 -18.38 9.46 8.95
N HIS A 129 -18.54 8.14 8.92
CA HIS A 129 -19.37 7.43 9.88
C HIS A 129 -18.88 7.62 11.31
N SER A 130 -17.63 7.25 11.55
CA SER A 130 -17.02 7.40 12.86
C SER A 130 -15.83 8.36 12.72
N GLU A 131 -16.02 9.58 13.22
CA GLU A 131 -14.99 10.61 13.16
C GLU A 131 -14.03 10.35 14.32
N THR A 132 -13.02 9.53 14.04
CA THR A 132 -12.02 9.12 15.03
C THR A 132 -11.34 10.25 15.80
N SER A 133 -11.14 11.38 15.14
CA SER A 133 -10.48 12.52 15.76
C SER A 133 -11.29 13.13 16.91
N THR A 134 -12.61 12.99 16.85
CA THR A 134 -13.45 13.55 17.91
C THR A 134 -14.21 12.50 18.71
N GLY A 135 -14.35 11.30 18.15
CA GLY A 135 -15.06 10.23 18.81
C GLY A 135 -16.55 10.30 18.50
N ALA A 136 -16.89 11.10 17.50
CA ALA A 136 -18.28 11.29 17.09
C ALA A 136 -18.79 10.26 16.11
N LEU A 137 -20.06 9.89 16.26
CA LEU A 137 -20.70 8.92 15.39
C LEU A 137 -21.85 9.61 14.66
N ALA A 138 -21.77 9.70 13.34
CA ALA A 138 -22.82 10.33 12.55
C ALA A 138 -23.98 9.36 12.34
N ASP A 139 -25.19 9.91 12.22
CA ASP A 139 -26.39 9.12 11.98
C ASP A 139 -26.50 8.89 10.47
N LEU A 140 -25.70 7.94 10.00
CA LEU A 140 -25.61 7.60 8.58
C LEU A 140 -26.92 7.36 7.83
N PRO A 141 -27.78 6.45 8.33
CA PRO A 141 -29.05 6.16 7.64
C PRO A 141 -29.93 7.39 7.48
N ALA A 142 -30.04 8.19 8.54
CA ALA A 142 -30.87 9.39 8.54
C ALA A 142 -30.31 10.47 7.61
N LEU A 143 -28.99 10.61 7.59
CA LEU A 143 -28.35 11.60 6.73
C LEU A 143 -28.50 11.19 5.27
N ALA A 144 -28.29 9.91 5.00
CA ALA A 144 -28.38 9.37 3.65
C ALA A 144 -29.75 9.52 2.98
N ARG A 145 -30.83 9.19 3.69
CA ARG A 145 -32.13 9.32 3.05
C ARG A 145 -32.68 10.74 2.96
N ALA A 146 -32.19 11.63 3.82
CA ALA A 146 -32.61 13.03 3.79
C ALA A 146 -32.01 13.63 2.51
N PHE A 147 -30.78 13.24 2.21
CA PHE A 147 -30.08 13.70 1.00
C PHE A 147 -30.71 13.08 -0.25
N LYS A 148 -31.04 11.79 -0.16
CA LYS A 148 -31.65 11.05 -1.26
C LYS A 148 -33.04 11.60 -1.66
N GLU A 149 -33.78 12.10 -0.67
CA GLU A 149 -35.11 12.64 -0.93
C GLU A 149 -35.06 13.83 -1.87
N LYS A 150 -34.03 14.66 -1.69
CA LYS A 150 -33.83 15.84 -2.52
C LYS A 150 -32.94 15.57 -3.73
N ASN A 151 -32.20 14.46 -3.68
CA ASN A 151 -31.31 14.09 -4.78
C ASN A 151 -31.46 12.60 -5.09
N PRO A 152 -32.58 12.22 -5.73
CA PRO A 152 -32.90 10.84 -6.11
C PRO A 152 -31.82 10.13 -6.92
N GLU A 153 -31.07 10.90 -7.69
CA GLU A 153 -30.00 10.35 -8.51
C GLU A 153 -28.61 10.51 -7.89
N GLY A 154 -28.57 11.02 -6.65
CA GLY A 154 -27.30 11.24 -5.98
C GLY A 154 -26.66 10.01 -5.37
N LEU A 155 -25.37 10.13 -5.07
CA LEU A 155 -24.61 9.04 -4.47
C LEU A 155 -24.10 9.44 -3.09
N VAL A 156 -24.13 8.49 -2.16
CA VAL A 156 -23.65 8.71 -0.80
C VAL A 156 -22.43 7.84 -0.52
N GLY A 157 -21.27 8.47 -0.40
CA GLY A 157 -20.04 7.75 -0.12
C GLY A 157 -19.71 7.91 1.35
N ALA A 158 -19.22 6.84 1.99
CA ALA A 158 -18.91 6.92 3.41
C ALA A 158 -17.56 6.38 3.84
N ASP A 159 -16.99 7.03 4.86
CA ASP A 159 -15.73 6.63 5.46
C ASP A 159 -16.15 5.77 6.65
N MET A 160 -15.94 4.45 6.54
CA MET A 160 -16.28 3.52 7.60
C MET A 160 -15.02 2.88 8.17
N VAL A 161 -13.91 3.63 8.14
CA VAL A 161 -12.63 3.12 8.62
C VAL A 161 -12.66 2.68 10.08
N THR A 162 -13.33 3.45 10.93
CA THR A 162 -13.43 3.07 12.35
C THR A 162 -14.82 2.64 12.79
N SER A 163 -15.65 2.23 11.83
CA SER A 163 -16.99 1.74 12.15
C SER A 163 -17.10 0.26 11.75
N LEU A 164 -16.33 -0.14 10.73
CA LEU A 164 -16.33 -1.53 10.27
C LEU A 164 -15.79 -2.45 11.37
N LEU A 165 -16.61 -3.39 11.80
CA LEU A 165 -16.25 -4.36 12.85
C LEU A 165 -16.12 -3.74 14.25
N VAL A 166 -16.60 -2.51 14.38
CA VAL A 166 -16.57 -1.79 15.64
C VAL A 166 -18.01 -1.52 16.03
N GLY A 167 -18.81 -1.12 15.05
CA GLY A 167 -20.22 -0.85 15.25
C GLY A 167 -21.00 -1.42 14.07
N GLU A 168 -22.32 -1.26 14.11
CA GLU A 168 -23.19 -1.75 13.05
C GLU A 168 -22.99 -0.95 11.77
N VAL A 169 -22.84 -1.66 10.65
CA VAL A 169 -22.67 -1.04 9.34
C VAL A 169 -23.40 -1.82 8.25
N ALA A 170 -23.70 -1.14 7.17
CA ALA A 170 -24.36 -1.73 6.01
C ALA A 170 -24.24 -0.71 4.89
N LEU A 171 -24.36 -1.19 3.64
CA LEU A 171 -24.29 -0.27 2.51
C LEU A 171 -25.68 0.15 2.07
N GLU A 172 -26.25 -0.55 1.09
CA GLU A 172 -27.58 -0.21 0.58
C GLU A 172 -28.68 -0.17 1.64
N ALA A 173 -28.58 -1.03 2.66
CA ALA A 173 -29.57 -1.06 3.72
C ALA A 173 -29.57 0.23 4.54
N MET A 174 -28.46 0.96 4.53
CA MET A 174 -28.36 2.22 5.26
C MET A 174 -28.41 3.41 4.30
N GLY A 175 -28.67 3.13 3.02
CA GLY A 175 -28.74 4.18 2.02
C GLY A 175 -27.39 4.61 1.49
N VAL A 176 -26.34 3.89 1.89
CA VAL A 176 -24.98 4.21 1.46
C VAL A 176 -24.62 3.45 0.18
N ASP A 177 -24.13 4.16 -0.81
CA ASP A 177 -23.76 3.55 -2.09
C ASP A 177 -22.34 2.99 -2.13
N ALA A 178 -21.43 3.64 -1.42
CA ALA A 178 -20.05 3.20 -1.39
C ALA A 178 -19.40 3.55 -0.06
N ALA A 179 -18.42 2.75 0.34
CA ALA A 179 -17.73 2.97 1.60
C ALA A 179 -16.26 2.58 1.52
N ALA A 180 -15.46 3.18 2.39
CA ALA A 180 -14.04 2.89 2.46
C ALA A 180 -13.65 2.55 3.88
N SER A 181 -12.70 1.62 4.02
CA SER A 181 -12.21 1.21 5.32
C SER A 181 -10.75 0.80 5.16
N GLY A 182 -10.11 0.46 6.27
CA GLY A 182 -8.72 0.06 6.26
C GLY A 182 -8.48 -1.16 7.13
N SER A 183 -7.25 -1.64 7.16
CA SER A 183 -6.90 -2.82 7.94
C SER A 183 -6.45 -2.64 9.39
N GLN A 184 -5.98 -1.44 9.75
CA GLN A 184 -5.44 -1.24 11.10
C GLN A 184 -6.33 -0.69 12.23
N1 LLP A 185 -10.71 7.87 8.23
C2 LLP A 185 -10.81 7.56 9.55
C2' LLP A 185 -12.09 8.04 10.22
C3 LLP A 185 -9.79 6.87 10.17
O3 LLP A 185 -9.99 6.62 11.46
C4 LLP A 185 -8.62 6.47 9.45
C4' LLP A 185 -7.52 5.70 10.21
C5 LLP A 185 -8.54 6.81 8.09
C6 LLP A 185 -9.60 7.50 7.53
C5' LLP A 185 -7.39 6.47 7.17
OP4 LLP A 185 -6.13 6.73 7.70
P LLP A 185 -4.87 6.04 7.11
OP1 LLP A 185 -3.79 6.60 7.96
OP2 LLP A 185 -4.79 6.42 5.67
OP3 LLP A 185 -5.06 4.59 7.30
N LLP A 185 -7.65 -0.63 12.02
CA LLP A 185 -8.56 -0.16 13.06
CB LLP A 185 -9.55 0.87 12.49
CG LLP A 185 -9.00 2.20 11.95
CD LLP A 185 -7.61 2.52 12.46
CE LLP A 185 -7.07 3.88 11.98
NZ LLP A 185 -7.92 4.75 11.11
C LLP A 185 -9.31 -1.38 13.61
O LLP A 185 -8.69 -2.30 14.13
N GLY A 186 -10.63 -1.43 13.40
CA GLY A 186 -11.43 -2.54 13.89
C GLY A 186 -11.06 -3.96 13.48
N LEU A 187 -10.38 -4.12 12.33
CA LEU A 187 -9.99 -5.44 11.86
C LEU A 187 -8.85 -6.07 12.65
N MET A 188 -8.16 -5.27 13.46
CA MET A 188 -7.05 -5.75 14.28
C MET A 188 -5.90 -6.36 13.47
N CYS A 189 -5.63 -5.75 12.32
CA CYS A 189 -4.56 -6.18 11.42
C CYS A 189 -3.57 -5.05 11.23
N PRO A 190 -2.38 -5.35 10.70
CA PRO A 190 -1.36 -4.31 10.47
C PRO A 190 -1.82 -3.33 9.38
N PRO A 191 -1.21 -2.13 9.33
CA PRO A 191 -1.55 -1.12 8.32
C PRO A 191 -1.04 -1.65 6.98
N GLY A 192 -1.66 -1.25 5.88
CA GLY A 192 -1.21 -1.73 4.58
C GLY A 192 -2.30 -2.04 3.56
N LEU A 193 -3.54 -2.19 4.02
CA LEU A 193 -4.65 -2.47 3.13
C LEU A 193 -5.78 -1.45 3.29
N GLY A 194 -6.44 -1.16 2.18
CA GLY A 194 -7.58 -0.25 2.16
C GLY A 194 -8.67 -0.99 1.42
N PHE A 195 -9.92 -0.76 1.77
CA PHE A 195 -11.03 -1.43 1.09
C PHE A 195 -12.09 -0.46 0.57
N VAL A 196 -12.55 -0.72 -0.65
CA VAL A 196 -13.58 0.08 -1.27
C VAL A 196 -14.76 -0.86 -1.53
N ALA A 197 -15.84 -0.64 -0.80
CA ALA A 197 -17.05 -1.45 -0.94
C ALA A 197 -18.01 -0.67 -1.83
N LEU A 198 -18.49 -1.33 -2.87
CA LEU A 198 -19.41 -0.73 -3.83
C LEU A 198 -20.73 -1.51 -3.91
N SER A 199 -21.84 -0.82 -3.69
CA SER A 199 -23.16 -1.42 -3.77
C SER A 199 -23.50 -1.65 -5.24
N PRO A 200 -24.53 -2.47 -5.53
CA PRO A 200 -24.92 -2.74 -6.92
C PRO A 200 -25.21 -1.42 -7.65
N ARG A 201 -25.83 -0.50 -6.93
CA ARG A 201 -26.19 0.83 -7.42
C ARG A 201 -24.92 1.54 -7.91
N ALA A 202 -23.89 1.55 -7.06
CA ALA A 202 -22.62 2.20 -7.37
C ALA A 202 -21.85 1.54 -8.52
N LEU A 203 -21.97 0.21 -8.63
CA LEU A 203 -21.29 -0.55 -9.67
C LEU A 203 -21.71 -0.11 -11.09
N GLU A 204 -22.98 0.23 -11.25
CA GLU A 204 -23.51 0.67 -12.54
C GLU A 204 -23.15 2.12 -12.84
N ARG A 205 -22.82 2.86 -11.80
CA ARG A 205 -22.48 4.28 -11.88
C ARG A 205 -20.97 4.53 -11.97
N LEU A 206 -20.18 3.46 -12.07
CA LEU A 206 -18.73 3.57 -12.11
C LEU A 206 -18.12 4.48 -13.18
N LYS A 207 -17.33 5.45 -12.73
CA LYS A 207 -16.64 6.42 -13.59
C LYS A 207 -15.14 6.16 -13.45
N PRO A 208 -14.63 5.07 -14.07
CA PRO A 208 -13.22 4.69 -14.02
C PRO A 208 -12.26 5.85 -14.33
N ARG A 209 -11.33 6.09 -13.42
CA ARG A 209 -10.37 7.18 -13.60
C ARG A 209 -9.15 7.08 -12.69
N GLY A 210 -7.98 7.46 -13.23
CA GLY A 210 -6.72 7.39 -12.50
C GLY A 210 -5.94 6.20 -13.07
N TYR A 211 -4.83 5.82 -12.43
CA TYR A 211 -4.07 4.67 -12.94
C TYR A 211 -3.97 3.53 -11.91
N TYR A 212 -3.16 3.73 -10.87
CA TYR A 212 -2.99 2.72 -9.82
C TYR A 212 -4.32 2.45 -9.13
N LEU A 213 -5.14 3.48 -8.97
CA LEU A 213 -6.43 3.34 -8.30
C LEU A 213 -7.67 3.31 -9.19
N ASP A 214 -7.49 2.85 -10.44
CA ASP A 214 -8.58 2.70 -11.40
C ASP A 214 -9.34 1.45 -10.89
N LEU A 215 -10.56 1.65 -10.42
CA LEU A 215 -11.37 0.56 -9.90
C LEU A 215 -11.91 -0.40 -10.95
N ALA A 216 -12.02 0.07 -12.20
CA ALA A 216 -12.50 -0.76 -13.29
C ALA A 216 -11.61 -1.96 -13.53
N ARG A 217 -10.30 -1.77 -13.66
CA ARG A 217 -9.50 -2.97 -13.85
C ARG A 217 -9.15 -3.79 -12.63
N GLU A 218 -9.39 -3.21 -11.44
CA GLU A 218 -9.18 -3.94 -10.20
C GLU A 218 -10.40 -4.86 -10.10
N LEU A 219 -11.58 -4.32 -10.40
CA LEU A 219 -12.84 -5.09 -10.36
C LEU A 219 -12.74 -6.27 -11.32
N LYS A 220 -12.30 -5.97 -12.54
CA LYS A 220 -12.12 -6.95 -13.60
C LYS A 220 -11.24 -8.10 -13.08
N ALA A 221 -10.12 -7.74 -12.45
CA ALA A 221 -9.18 -8.72 -11.91
C ALA A 221 -9.61 -9.40 -10.61
N GLN A 222 -10.12 -8.61 -9.65
CA GLN A 222 -10.52 -9.15 -8.36
C GLN A 222 -11.73 -10.08 -8.41
N LYS A 223 -12.50 -9.96 -9.47
CA LYS A 223 -13.66 -10.82 -9.70
C LYS A 223 -13.17 -12.27 -9.79
N GLU A 224 -11.99 -12.44 -10.38
CA GLU A 224 -11.39 -13.76 -10.57
C GLU A 224 -10.37 -14.15 -9.50
N GLY A 225 -10.27 -13.36 -8.43
CA GLY A 225 -9.33 -13.67 -7.37
C GLY A 225 -7.93 -13.14 -7.60
N GLU A 226 -7.81 -12.22 -8.56
CA GLU A 226 -6.53 -11.60 -8.88
C GLU A 226 -6.62 -10.14 -8.42
N SER A 227 -5.63 -9.36 -8.82
CA SER A 227 -5.58 -7.93 -8.53
C SER A 227 -4.79 -7.31 -9.67
N ALA A 228 -4.95 -6.02 -9.87
CA ALA A 228 -4.27 -5.33 -10.95
C ALA A 228 -2.75 -5.46 -10.83
N TRP A 229 -2.22 -5.24 -9.63
CA TRP A 229 -0.78 -5.33 -9.38
C TRP A 229 -0.56 -6.35 -8.28
N THR A 230 0.68 -6.46 -7.78
CA THR A 230 0.96 -7.41 -6.71
C THR A 230 0.30 -6.91 -5.43
N PRO A 231 -0.55 -7.73 -4.82
CA PRO A 231 -1.23 -7.32 -3.59
C PRO A 231 -0.42 -7.72 -2.36
N ALA A 232 -0.66 -7.06 -1.24
CA ALA A 232 0.03 -7.40 0.01
C ALA A 232 -0.70 -8.67 0.51
N ILE A 233 -0.45 -9.77 -0.20
CA ILE A 233 -1.06 -11.08 0.07
C ILE A 233 -0.93 -11.58 1.50
N ASN A 234 0.17 -11.22 2.16
CA ASN A 234 0.41 -11.63 3.56
C ASN A 234 -0.64 -11.00 4.47
N LEU A 235 -0.92 -9.72 4.24
CA LEU A 235 -1.92 -8.99 5.02
C LEU A 235 -3.32 -9.49 4.70
N VAL A 236 -3.55 -9.86 3.44
CA VAL A 236 -4.85 -10.38 3.01
C VAL A 236 -5.15 -11.66 3.79
N LEU A 237 -4.12 -12.48 4.01
CA LEU A 237 -4.25 -13.71 4.78
C LEU A 237 -4.70 -13.40 6.20
N ALA A 238 -4.08 -12.38 6.78
CA ALA A 238 -4.39 -11.93 8.14
C ALA A 238 -5.84 -11.43 8.23
N VAL A 239 -6.29 -10.69 7.22
CA VAL A 239 -7.65 -10.18 7.18
C VAL A 239 -8.65 -11.33 7.10
N ALA A 240 -8.37 -12.32 6.25
CA ALA A 240 -9.24 -13.48 6.09
C ALA A 240 -9.35 -14.28 7.40
N ALA A 241 -8.22 -14.54 8.03
CA ALA A 241 -8.16 -15.28 9.30
C ALA A 241 -8.98 -14.63 10.41
N VAL A 242 -8.87 -13.31 10.55
CA VAL A 242 -9.61 -12.58 11.57
C VAL A 242 -11.11 -12.59 11.28
N LEU A 243 -11.49 -12.30 10.03
CA LEU A 243 -12.90 -12.27 9.66
C LEU A 243 -13.56 -13.64 9.85
N GLU A 244 -12.81 -14.70 9.59
CA GLU A 244 -13.34 -16.06 9.76
C GLU A 244 -13.73 -16.35 11.20
N GLU A 245 -12.99 -15.77 12.14
CA GLU A 245 -13.28 -15.97 13.56
C GLU A 245 -14.32 -15.01 14.13
N VAL A 246 -14.27 -13.75 13.70
CA VAL A 246 -15.18 -12.74 14.21
C VAL A 246 -16.60 -12.74 13.63
N LEU A 247 -16.71 -12.89 12.31
CA LEU A 247 -18.01 -12.88 11.65
C LEU A 247 -19.12 -13.78 12.21
N PRO A 248 -18.78 -15.03 12.61
CA PRO A 248 -19.82 -15.91 13.16
C PRO A 248 -20.34 -15.42 14.51
N ARG A 249 -19.52 -14.63 15.20
CA ARG A 249 -19.86 -14.07 16.51
C ARG A 249 -19.87 -12.55 16.45
N LEU A 250 -20.25 -11.99 15.30
CA LEU A 250 -20.25 -10.54 15.11
C LEU A 250 -20.97 -9.74 16.19
N GLU A 251 -22.22 -10.13 16.48
CA GLU A 251 -23.04 -9.45 17.49
C GLU A 251 -22.36 -9.39 18.85
N GLU A 252 -21.71 -10.48 19.22
CA GLU A 252 -21.01 -10.55 20.50
C GLU A 252 -19.78 -9.65 20.47
N HIS A 253 -19.10 -9.62 19.32
CA HIS A 253 -17.90 -8.79 19.15
C HIS A 253 -18.26 -7.31 19.25
N LEU A 254 -19.36 -6.94 18.62
CA LEU A 254 -19.83 -5.56 18.64
C LEU A 254 -20.24 -5.13 20.05
N ALA A 255 -20.94 -6.01 20.76
CA ALA A 255 -21.39 -5.71 22.12
C ALA A 255 -20.19 -5.54 23.05
N LEU A 256 -19.16 -6.35 22.84
CA LEU A 256 -17.95 -6.26 23.67
C LEU A 256 -17.26 -4.90 23.43
N LYS A 257 -17.09 -4.54 22.17
CA LYS A 257 -16.45 -3.28 21.84
C LYS A 257 -17.21 -2.07 22.38
N ALA A 258 -18.54 -2.15 22.36
CA ALA A 258 -19.38 -1.08 22.88
C ALA A 258 -19.25 -0.99 24.40
N TRP A 259 -19.19 -2.15 25.04
CA TRP A 259 -19.04 -2.21 26.49
C TRP A 259 -17.67 -1.69 26.94
N GLN A 260 -16.63 -2.07 26.21
CA GLN A 260 -15.26 -1.66 26.51
C GLN A 260 -15.06 -0.15 26.42
N ASN A 261 -15.66 0.47 25.41
CA ASN A 261 -15.53 1.91 25.22
C ASN A 261 -16.33 2.67 26.28
N ALA A 262 -17.52 2.15 26.60
CA ALA A 262 -18.38 2.76 27.61
C ALA A 262 -17.68 2.68 28.96
N LEU A 263 -16.86 1.65 29.13
CA LEU A 263 -16.10 1.44 30.36
C LEU A 263 -15.11 2.59 30.55
N LEU A 264 -14.50 3.02 29.44
CA LEU A 264 -13.53 4.12 29.46
C LEU A 264 -14.19 5.46 29.78
N TYR A 265 -15.35 5.69 29.17
CA TYR A 265 -16.08 6.94 29.41
C TYR A 265 -16.60 6.98 30.84
N GLY A 266 -16.95 5.80 31.38
CA GLY A 266 -17.43 5.73 32.74
C GLY A 266 -16.38 6.18 33.74
N VAL A 267 -15.15 5.69 33.55
CA VAL A 267 -14.03 6.04 34.42
C VAL A 267 -13.67 7.52 34.33
N GLY A 268 -13.63 8.05 33.10
CA GLY A 268 -13.30 9.44 32.91
C GLY A 268 -14.32 10.40 33.49
N GLU A 269 -15.61 10.09 33.30
CA GLU A 269 -16.69 10.92 33.81
C GLU A 269 -16.73 10.97 35.33
N GLU A 270 -16.51 9.83 35.99
CA GLU A 270 -16.51 9.80 37.45
C GLU A 270 -15.29 10.59 37.97
N GLY A 271 -14.27 10.70 37.12
CA GLY A 271 -13.06 11.43 37.48
C GLY A 271 -13.19 12.92 37.18
N GLY A 272 -14.36 13.33 36.70
CA GLY A 272 -14.59 14.73 36.39
C GLY A 272 -14.23 15.22 35.01
N LEU A 273 -13.94 14.31 34.08
CA LEU A 273 -13.58 14.70 32.72
C LEU A 273 -14.83 14.91 31.87
N ARG A 274 -14.72 15.78 30.88
CA ARG A 274 -15.83 16.07 29.99
C ARG A 274 -15.64 15.46 28.60
N PRO A 275 -16.61 14.65 28.14
CA PRO A 275 -16.57 13.99 26.83
C PRO A 275 -16.60 15.03 25.70
N VAL A 276 -15.95 14.70 24.59
CA VAL A 276 -15.91 15.62 23.45
C VAL A 276 -17.15 15.54 22.54
N PRO A 277 -17.56 14.33 22.14
CA PRO A 277 -18.74 14.19 21.26
C PRO A 277 -20.09 14.11 21.97
N LYS A 278 -21.16 14.29 21.19
CA LYS A 278 -22.54 14.21 21.68
C LYS A 278 -23.00 12.78 21.38
N ARG A 279 -22.64 12.32 20.19
CA ARG A 279 -22.96 10.98 19.71
C ARG A 279 -21.67 10.18 19.87
N PHE A 280 -21.76 9.07 20.60
CA PHE A 280 -20.58 8.26 20.86
C PHE A 280 -20.30 7.10 19.93
N SER A 281 -19.10 7.09 19.38
CA SER A 281 -18.63 6.01 18.52
C SER A 281 -17.91 5.03 19.43
N PRO A 282 -18.11 3.72 19.21
CA PRO A 282 -17.45 2.70 20.04
C PRO A 282 -15.97 2.54 19.74
N ALA A 283 -15.47 3.27 18.74
CA ALA A 283 -14.07 3.18 18.32
C ALA A 283 -13.04 3.88 19.21
N VAL A 284 -13.47 4.91 19.92
CA VAL A 284 -12.54 5.67 20.75
C VAL A 284 -13.27 6.51 21.80
N ALA A 285 -12.58 6.79 22.90
CA ALA A 285 -13.12 7.62 23.98
C ALA A 285 -12.29 8.91 24.01
N ALA A 286 -12.93 10.03 23.69
CA ALA A 286 -12.27 11.31 23.67
C ALA A 286 -12.66 12.18 24.86
N PHE A 287 -11.64 12.77 25.51
CA PHE A 287 -11.86 13.61 26.68
C PHE A 287 -11.19 14.97 26.59
N TYR A 288 -11.84 15.97 27.17
CA TYR A 288 -11.26 17.31 27.23
C TYR A 288 -10.31 17.30 28.42
N LEU A 289 -9.12 17.85 28.22
CA LEU A 289 -8.13 17.91 29.30
C LEU A 289 -8.63 18.82 30.42
N PRO A 290 -8.38 18.43 31.68
CA PRO A 290 -8.82 19.24 32.82
C PRO A 290 -8.10 20.58 32.79
N GLU A 291 -8.69 21.59 33.43
CA GLU A 291 -8.10 22.92 33.48
C GLU A 291 -6.73 22.92 34.15
N GLY A 292 -5.73 23.48 33.46
CA GLY A 292 -4.39 23.56 34.01
C GLY A 292 -3.42 22.44 33.67
N VAL A 293 -3.91 21.22 33.48
CA VAL A 293 -3.04 20.09 33.16
C VAL A 293 -2.79 19.92 31.65
N PRO A 294 -1.52 20.00 31.24
CA PRO A 294 -1.09 19.86 29.84
C PRO A 294 -1.21 18.42 29.33
N TYR A 295 -1.32 18.27 28.01
CA TYR A 295 -1.44 16.95 27.41
C TYR A 295 -0.21 16.10 27.74
N ALA A 296 0.97 16.72 27.71
CA ALA A 296 2.22 16.04 28.00
C ALA A 296 2.22 15.33 29.35
N ARG A 297 1.49 15.89 30.32
CA ARG A 297 1.42 15.31 31.65
C ARG A 297 0.63 14.00 31.61
N VAL A 298 -0.48 13.98 30.87
CA VAL A 298 -1.32 12.79 30.73
C VAL A 298 -0.61 11.76 29.87
N LYS A 299 0.06 12.25 28.84
CA LYS A 299 0.83 11.44 27.89
C LYS A 299 1.91 10.67 28.66
N GLU A 300 2.63 11.38 29.54
CA GLU A 300 3.70 10.76 30.32
C GLU A 300 3.18 9.87 31.45
N ALA A 301 2.02 10.21 32.00
CA ALA A 301 1.44 9.41 33.08
C ALA A 301 1.09 8.01 32.56
N PHE A 302 0.54 7.95 31.34
CA PHE A 302 0.20 6.67 30.74
C PHE A 302 1.47 5.94 30.30
N ALA A 303 2.42 6.69 29.75
CA ALA A 303 3.69 6.12 29.28
C ALA A 303 4.45 5.38 30.38
N GLN A 304 4.52 5.96 31.57
CA GLN A 304 5.23 5.31 32.68
C GLN A 304 4.52 4.03 33.13
N ARG A 305 3.27 3.85 32.69
CA ARG A 305 2.48 2.66 33.02
C ARG A 305 2.63 1.65 31.87
N GLY A 306 3.35 2.05 30.82
CA GLY A 306 3.57 1.19 29.66
C GLY A 306 2.49 1.27 28.59
N ALA A 307 1.76 2.38 28.53
CA ALA A 307 0.70 2.56 27.54
C ALA A 307 0.93 3.72 26.59
N VAL A 308 0.44 3.56 25.37
CA VAL A 308 0.56 4.60 24.34
C VAL A 308 -0.83 5.14 24.06
N ILE A 309 -0.98 6.46 24.18
CA ILE A 309 -2.25 7.12 23.95
C ILE A 309 -2.12 8.15 22.82
N ALA A 310 -3.24 8.75 22.43
CA ALA A 310 -3.22 9.75 21.36
C ALA A 310 -3.75 11.10 21.83
N GLY A 311 -3.37 12.14 21.11
CA GLY A 311 -3.82 13.48 21.47
C GLY A 311 -4.80 14.06 20.47
N GLY A 312 -5.01 15.37 20.56
CA GLY A 312 -5.92 16.04 19.65
C GLY A 312 -5.28 16.53 18.37
N GLN A 313 -6.12 16.82 17.38
CA GLN A 313 -5.66 17.30 16.07
C GLN A 313 -6.46 18.55 15.72
N GLY A 314 -5.89 19.42 14.89
CA GLY A 314 -6.56 20.65 14.50
C GLY A 314 -6.90 21.51 15.71
N PRO A 315 -8.15 21.99 15.82
CA PRO A 315 -8.62 22.84 16.93
C PRO A 315 -8.52 22.17 18.31
N LEU A 316 -8.44 20.85 18.33
CA LEU A 316 -8.35 20.09 19.58
C LEU A 316 -6.92 19.77 19.99
N LYS A 317 -5.96 20.22 19.17
CA LYS A 317 -4.53 20.02 19.43
C LYS A 317 -4.18 20.64 20.78
N GLY A 318 -3.69 19.81 21.70
CA GLY A 318 -3.34 20.29 23.03
C GLY A 318 -4.49 20.48 23.99
N LYS A 319 -5.72 20.24 23.52
CA LYS A 319 -6.91 20.39 24.35
C LYS A 319 -7.54 19.08 24.82
N VAL A 320 -7.25 17.97 24.14
CA VAL A 320 -7.84 16.67 24.49
C VAL A 320 -6.90 15.47 24.41
N PHE A 321 -7.40 14.31 24.86
CA PHE A 321 -6.65 13.07 24.81
C PHE A 321 -7.57 11.94 24.43
N ARG A 322 -7.06 10.86 23.86
CA ARG A 322 -7.92 9.78 23.47
C ARG A 322 -7.39 8.44 23.78
N LEU A 323 -8.37 7.64 24.12
CA LEU A 323 -8.19 6.29 24.56
C LEU A 323 -9.00 5.36 23.71
N SER A 324 -8.42 4.20 23.38
CA SER A 324 -9.14 3.21 22.59
C SER A 324 -8.79 1.75 22.85
N LEU A 325 -9.84 0.95 23.05
CA LEU A 325 -9.71 -0.49 23.28
C LEU A 325 -10.16 -1.23 22.04
N MET A 326 -10.07 -0.57 20.90
CA MET A 326 -10.49 -1.12 19.61
C MET A 326 -9.64 -2.34 19.21
N GLY A 327 -8.45 -2.45 19.80
CA GLY A 327 -7.57 -3.56 19.51
C GLY A 327 -8.03 -4.90 20.08
N ALA A 328 -7.22 -5.94 19.90
CA ALA A 328 -7.56 -7.28 20.39
C ALA A 328 -7.41 -7.43 21.90
N TYR A 329 -8.40 -6.93 22.63
CA TYR A 329 -8.43 -6.98 24.09
C TYR A 329 -9.72 -7.66 24.52
N ASP A 330 -9.64 -8.44 25.60
CA ASP A 330 -10.83 -9.11 26.08
C ASP A 330 -11.46 -8.31 27.22
N ARG A 331 -12.50 -8.91 27.81
CA ARG A 331 -13.26 -8.35 28.92
C ARG A 331 -12.35 -7.92 30.09
N TYR A 332 -11.43 -8.80 30.47
CA TYR A 332 -10.54 -8.54 31.60
C TYR A 332 -9.34 -7.64 31.37
N GLU A 333 -8.86 -7.57 30.14
CA GLU A 333 -7.74 -6.69 29.82
C GLU A 333 -8.28 -5.26 29.86
N ALA A 334 -9.54 -5.11 29.45
CA ALA A 334 -10.21 -3.82 29.45
C ALA A 334 -10.37 -3.33 30.89
N LEU A 335 -10.78 -4.23 31.78
CA LEU A 335 -10.95 -3.90 33.20
C LEU A 335 -9.60 -3.45 33.77
N GLY A 336 -8.52 -4.04 33.26
CA GLY A 336 -7.19 -3.68 33.70
C GLY A 336 -6.84 -2.28 33.25
N VAL A 337 -7.23 -1.93 32.03
CA VAL A 337 -6.98 -0.60 31.46
C VAL A 337 -7.76 0.43 32.27
N ALA A 338 -8.97 0.07 32.67
CA ALA A 338 -9.84 0.94 33.47
C ALA A 338 -9.13 1.28 34.79
N GLY A 339 -8.44 0.29 35.35
CA GLY A 339 -7.72 0.50 36.59
C GLY A 339 -6.55 1.43 36.37
N MET A 340 -5.88 1.28 35.23
CA MET A 340 -4.74 2.11 34.87
C MET A 340 -5.21 3.55 34.68
N PHE A 341 -6.39 3.69 34.09
CA PHE A 341 -6.98 4.99 33.84
C PHE A 341 -7.29 5.64 35.21
N ARG A 342 -7.79 4.83 36.15
CA ARG A 342 -8.09 5.31 37.50
C ARG A 342 -6.82 5.91 38.10
N GLU A 343 -5.74 5.13 38.05
CA GLU A 343 -4.44 5.56 38.61
C GLU A 343 -3.92 6.85 38.00
N VAL A 344 -4.04 7.00 36.68
CA VAL A 344 -3.58 8.21 36.00
C VAL A 344 -4.39 9.42 36.47
N LEU A 345 -5.68 9.20 36.72
CA LEU A 345 -6.58 10.24 37.17
C LEU A 345 -6.23 10.71 38.59
N GLU A 346 -5.91 9.77 39.47
CA GLU A 346 -5.54 10.07 40.85
C GLU A 346 -4.22 10.82 40.94
N GLU A 347 -3.38 10.67 39.92
CA GLU A 347 -2.07 11.33 39.88
C GLU A 347 -2.13 12.74 39.32
N ILE A 348 -2.81 12.91 38.20
CA ILE A 348 -2.92 14.22 37.55
C ILE A 348 -3.87 15.22 38.21
N LEU A 349 -4.71 14.74 39.12
CA LEU A 349 -5.67 15.61 39.81
C LEU A 349 -5.32 15.82 41.28
N ASP B 2 8.99 -25.62 0.32
CA ASP B 2 8.44 -25.09 -0.92
C ASP B 2 9.45 -24.17 -1.62
N TRP B 3 9.76 -24.49 -2.87
CA TRP B 3 10.74 -23.71 -3.63
C TRP B 3 10.12 -22.64 -4.52
N LEU B 4 10.10 -21.41 -4.00
CA LEU B 4 9.55 -20.29 -4.73
C LEU B 4 10.63 -19.77 -5.68
N LEU B 5 10.41 -19.95 -6.98
CA LEU B 5 11.39 -19.54 -7.98
C LEU B 5 10.88 -18.45 -8.93
N THR B 6 9.93 -17.66 -8.45
CA THR B 6 9.35 -16.57 -9.24
C THR B 6 10.09 -15.27 -8.96
N PRO B 7 10.14 -14.36 -9.94
CA PRO B 7 10.83 -13.08 -9.74
C PRO B 7 9.91 -12.03 -9.09
N GLY B 8 9.41 -12.36 -7.90
CA GLY B 8 8.52 -11.46 -7.19
C GLY B 8 7.07 -11.94 -7.14
N PRO B 9 6.53 -12.26 -5.96
CA PRO B 9 7.21 -12.21 -4.65
C PRO B 9 8.31 -13.27 -4.60
N VAL B 10 9.17 -13.16 -3.60
CA VAL B 10 10.28 -14.09 -3.47
C VAL B 10 10.33 -14.74 -2.09
N ARG B 11 11.30 -15.62 -1.93
CA ARG B 11 11.58 -16.35 -0.71
C ARG B 11 12.02 -15.28 0.29
N LEU B 12 11.36 -15.20 1.44
CA LEU B 12 11.67 -14.18 2.44
C LEU B 12 12.97 -14.38 3.20
N HIS B 13 13.64 -13.27 3.49
CA HIS B 13 14.89 -13.31 4.25
C HIS B 13 14.49 -13.59 5.69
N PRO B 14 15.22 -14.49 6.38
CA PRO B 14 14.96 -14.85 7.78
C PRO B 14 14.71 -13.68 8.73
N LYS B 15 15.37 -12.55 8.48
CA LYS B 15 15.21 -11.35 9.31
C LYS B 15 13.82 -10.74 9.13
N ALA B 16 13.25 -10.88 7.92
CA ALA B 16 11.93 -10.35 7.62
C ALA B 16 10.85 -10.99 8.48
N LEU B 17 10.88 -12.32 8.58
CA LEU B 17 9.91 -13.06 9.37
C LEU B 17 10.05 -12.77 10.86
N GLU B 18 11.28 -12.45 11.27
CA GLU B 18 11.58 -12.11 12.65
C GLU B 18 10.94 -10.76 12.99
N ALA B 19 11.00 -9.83 12.04
CA ALA B 19 10.44 -8.50 12.21
C ALA B 19 8.92 -8.52 12.20
N LEU B 20 8.33 -9.34 11.34
CA LEU B 20 6.88 -9.46 11.23
C LEU B 20 6.22 -10.11 12.44
N ALA B 21 7.03 -10.75 13.28
CA ALA B 21 6.54 -11.41 14.48
C ALA B 21 6.48 -10.47 15.69
N ARG B 22 7.03 -9.27 15.53
CA ARG B 22 7.04 -8.27 16.59
C ARG B 22 5.65 -7.69 16.85
N PRO B 23 5.38 -7.27 18.10
CA PRO B 23 4.07 -6.68 18.45
C PRO B 23 3.91 -5.38 17.67
N GLN B 24 2.67 -5.02 17.35
CA GLN B 24 2.38 -3.81 16.60
C GLN B 24 2.90 -2.52 17.25
N LEU B 25 3.55 -1.69 16.45
CA LEU B 25 4.08 -0.42 16.91
C LEU B 25 3.22 0.70 16.34
N HIS B 26 2.99 1.76 17.12
CA HIS B 26 2.23 2.89 16.64
C HIS B 26 3.24 3.74 15.86
N HIS B 27 2.88 4.09 14.63
CA HIS B 27 3.75 4.85 13.73
C HIS B 27 4.27 6.20 14.21
N ARG B 28 3.69 6.77 15.28
CA ARG B 28 4.11 8.09 15.74
C ARG B 28 5.01 7.99 16.96
N THR B 29 5.30 6.82 17.47
CA THR B 29 6.17 6.68 18.64
C THR B 29 7.64 6.94 18.27
N GLU B 30 8.45 7.26 19.28
CA GLU B 30 9.87 7.53 19.07
C GLU B 30 10.59 6.34 18.43
N ALA B 31 10.21 5.14 18.86
CA ALA B 31 10.79 3.90 18.35
C ALA B 31 10.50 3.73 16.85
N ALA B 32 9.29 4.13 16.44
CA ALA B 32 8.87 4.04 15.05
C ALA B 32 9.57 5.09 14.17
N ARG B 33 9.77 6.28 14.73
CA ARG B 33 10.44 7.39 14.03
C ARG B 33 11.84 6.95 13.64
N GLU B 34 12.56 6.42 14.63
CA GLU B 34 13.93 5.95 14.45
C GLU B 34 14.02 4.86 13.39
N VAL B 35 13.13 3.87 13.48
CA VAL B 35 13.12 2.78 12.50
C VAL B 35 12.86 3.32 11.10
N PHE B 36 11.91 4.25 11.00
CA PHE B 36 11.56 4.84 9.72
C PHE B 36 12.75 5.62 9.17
N LEU B 37 13.39 6.40 10.03
CA LEU B 37 14.54 7.20 9.65
C LEU B 37 15.76 6.40 9.19
N LYS B 38 16.12 5.33 9.90
CA LYS B 38 17.27 4.58 9.43
C LYS B 38 17.00 3.73 8.19
N ALA B 39 15.73 3.41 7.96
CA ALA B 39 15.34 2.66 6.76
C ALA B 39 15.55 3.63 5.60
N ARG B 40 15.19 4.90 5.84
CA ARG B 40 15.33 6.01 4.89
C ARG B 40 16.81 6.11 4.51
N GLY B 41 17.65 6.16 5.54
CA GLY B 41 19.09 6.27 5.36
C GLY B 41 19.78 5.08 4.71
N LEU B 42 19.29 3.87 4.99
CA LEU B 42 19.88 2.66 4.39
C LEU B 42 19.48 2.57 2.92
N LEU B 43 18.25 2.97 2.59
CA LEU B 43 17.78 2.94 1.22
C LEU B 43 18.55 3.97 0.42
N ARG B 44 18.88 5.07 1.10
CA ARG B 44 19.65 6.18 0.56
C ARG B 44 21.02 5.64 0.14
N GLU B 45 21.61 4.82 1.00
CA GLU B 45 22.91 4.22 0.73
C GLU B 45 22.82 3.16 -0.37
N ALA B 46 21.77 2.35 -0.33
CA ALA B 46 21.56 1.30 -1.33
C ALA B 46 21.34 1.87 -2.74
N PHE B 47 20.73 3.05 -2.82
CA PHE B 47 20.47 3.69 -4.10
C PHE B 47 21.67 4.46 -4.65
N ARG B 48 22.67 4.69 -3.80
CA ARG B 48 23.88 5.42 -4.19
C ARG B 48 23.51 6.83 -4.66
N THR B 49 22.90 7.61 -3.77
CA THR B 49 22.50 8.96 -4.10
C THR B 49 22.73 9.88 -2.90
N GLU B 50 22.87 11.18 -3.15
CA GLU B 50 23.05 12.14 -2.08
C GLU B 50 21.71 12.80 -1.81
N GLY B 51 20.70 12.39 -2.58
CA GLY B 51 19.36 12.93 -2.44
C GLY B 51 18.53 12.25 -1.35
N GLU B 52 17.22 12.17 -1.57
CA GLU B 52 16.31 11.57 -0.61
C GLU B 52 15.54 10.38 -1.19
N VAL B 53 15.20 9.43 -0.33
CA VAL B 53 14.43 8.26 -0.73
C VAL B 53 13.13 8.26 0.09
N LEU B 54 11.99 8.17 -0.57
CA LEU B 54 10.70 8.17 0.11
C LEU B 54 10.06 6.78 0.17
N ILE B 55 9.44 6.47 1.30
CA ILE B 55 8.78 5.19 1.49
C ILE B 55 7.27 5.37 1.33
N LEU B 56 6.71 4.70 0.33
CA LEU B 56 5.28 4.79 0.05
C LEU B 56 4.59 3.47 0.38
N THR B 57 3.41 3.54 0.97
CA THR B 57 2.66 2.34 1.30
C THR B 57 1.78 1.99 0.11
N GLY B 58 2.24 1.00 -0.66
CA GLY B 58 1.56 0.54 -1.85
C GLY B 58 2.55 -0.32 -2.62
N SER B 59 2.16 -0.84 -3.79
CA SER B 59 3.08 -1.67 -4.56
C SER B 59 4.06 -0.83 -5.38
N GLY B 60 4.96 -1.50 -6.10
CA GLY B 60 5.95 -0.80 -6.90
C GLY B 60 5.36 0.07 -8.01
N THR B 61 4.20 -0.32 -8.52
CA THR B 61 3.53 0.45 -9.56
C THR B 61 3.15 1.84 -9.06
N LEU B 62 2.80 1.93 -7.78
CA LEU B 62 2.43 3.20 -7.16
C LEU B 62 3.62 4.15 -7.17
N ALA B 63 4.80 3.60 -6.84
CA ALA B 63 6.03 4.38 -6.80
C ALA B 63 6.36 4.90 -8.19
N MET B 64 6.08 4.08 -9.21
CA MET B 64 6.31 4.47 -10.60
C MET B 64 5.43 5.64 -10.99
N GLU B 65 4.16 5.57 -10.60
CA GLU B 65 3.19 6.61 -10.90
C GLU B 65 3.54 7.91 -10.16
N ALA B 66 3.94 7.78 -8.90
CA ALA B 66 4.31 8.94 -8.07
C ALA B 66 5.52 9.67 -8.65
N LEU B 67 6.47 8.90 -9.16
CA LEU B 67 7.69 9.44 -9.77
C LEU B 67 7.34 10.28 -10.99
N VAL B 68 6.51 9.73 -11.87
CA VAL B 68 6.11 10.43 -13.09
C VAL B 68 5.26 11.67 -12.81
N LYS B 69 4.29 11.52 -11.90
CA LYS B 69 3.39 12.60 -11.52
C LYS B 69 4.06 13.82 -10.89
N ASN B 70 4.99 13.57 -9.96
CA ASN B 70 5.67 14.65 -9.25
C ASN B 70 6.88 15.30 -9.92
N LEU B 71 7.28 14.81 -11.08
CA LEU B 71 8.44 15.38 -11.79
C LEU B 71 8.08 15.97 -13.15
N PHE B 72 6.93 15.60 -13.68
CA PHE B 72 6.48 16.10 -14.98
C PHE B 72 5.09 16.69 -14.88
N ALA B 73 4.93 17.88 -15.45
CA ALA B 73 3.65 18.58 -15.47
C ALA B 73 2.91 18.18 -16.74
N PRO B 74 1.56 18.18 -16.70
CA PRO B 74 0.75 17.81 -17.87
C PRO B 74 1.15 18.65 -19.09
N GLY B 75 1.23 18.00 -20.25
CA GLY B 75 1.61 18.70 -21.47
C GLY B 75 3.07 18.56 -21.84
N GLU B 76 3.91 18.13 -20.90
CA GLU B 76 5.34 17.97 -21.15
C GLU B 76 5.71 16.78 -22.04
N ARG B 77 6.80 16.96 -22.76
CA ARG B 77 7.36 15.98 -23.71
C ARG B 77 8.22 14.90 -23.01
N VAL B 78 7.82 13.64 -23.16
CA VAL B 78 8.58 12.52 -22.58
C VAL B 78 8.73 11.39 -23.59
N LEU B 79 9.91 10.80 -23.61
CA LEU B 79 10.22 9.69 -24.51
C LEU B 79 10.20 8.41 -23.68
N VAL B 80 9.42 7.43 -24.13
CA VAL B 80 9.30 6.17 -23.42
C VAL B 80 9.44 4.95 -24.32
N PRO B 81 10.59 4.24 -24.22
CA PRO B 81 10.87 3.04 -25.01
C PRO B 81 10.10 1.87 -24.39
N VAL B 82 9.55 1.01 -25.25
CA VAL B 82 8.81 -0.15 -24.78
C VAL B 82 9.47 -1.40 -25.33
N TYR B 83 9.96 -2.24 -24.42
CA TYR B 83 10.62 -3.48 -24.77
C TYR B 83 10.19 -4.60 -23.84
N GLY B 84 9.04 -4.40 -23.21
CA GLY B 84 8.52 -5.40 -22.30
C GLY B 84 7.32 -4.90 -21.53
N LYS B 85 6.80 -5.80 -20.70
CA LYS B 85 5.63 -5.60 -19.84
C LYS B 85 5.74 -4.35 -18.96
N PHE B 86 6.82 -4.23 -18.21
CA PHE B 86 6.98 -3.10 -17.31
C PHE B 86 7.30 -1.76 -17.97
N SER B 87 8.03 -1.80 -19.08
CA SER B 87 8.33 -0.57 -19.81
C SER B 87 7.00 -0.16 -20.47
N GLU B 88 6.23 -1.20 -20.86
CA GLU B 88 4.95 -0.97 -21.44
C GLU B 88 4.14 -0.36 -20.38
N ARG B 89 4.32 -0.62 -19.18
CA ARG B 89 3.58 -0.05 -18.06
C ARG B 89 4.00 1.40 -17.83
N PHE B 90 5.23 1.76 -18.05
CA PHE B 90 5.71 3.11 -17.77
C PHE B 90 5.15 4.07 -18.83
N TYR B 91 4.83 3.53 -19.97
CA TYR B 91 4.23 4.27 -21.07
C TYR B 91 2.77 4.61 -20.73
N GLU B 92 2.06 3.65 -20.15
CA GLU B 92 0.65 3.84 -19.79
C GLU B 92 0.50 4.84 -18.65
N ILE B 93 1.49 4.87 -17.76
CA ILE B 93 1.47 5.80 -16.63
C ILE B 93 1.69 7.22 -17.14
N ALA B 94 2.63 7.37 -18.08
CA ALA B 94 2.93 8.67 -18.67
C ALA B 94 1.71 9.23 -19.42
N LEU B 95 0.98 8.34 -20.11
CA LEU B 95 -0.23 8.75 -20.83
C LEU B 95 -1.30 9.23 -19.86
N GLU B 96 -1.57 8.41 -18.83
CA GLU B 96 -2.59 8.74 -17.84
C GLU B 96 -2.26 10.03 -17.12
N ALA B 97 -0.96 10.31 -16.96
CA ALA B 97 -0.48 11.51 -16.30
C ALA B 97 -0.64 12.78 -17.14
N GLY B 98 -1.21 12.63 -18.33
CA GLY B 98 -1.43 13.77 -19.23
C GLY B 98 -0.18 14.32 -19.91
N LEU B 99 0.77 13.45 -20.19
CA LEU B 99 2.00 13.85 -20.85
C LEU B 99 1.96 13.53 -22.34
N VAL B 100 2.77 14.25 -23.12
CA VAL B 100 2.85 13.98 -24.55
C VAL B 100 3.91 12.90 -24.64
N VAL B 101 3.50 11.71 -25.02
CA VAL B 101 4.41 10.57 -25.08
C VAL B 101 4.84 10.05 -26.43
N GLU B 102 6.15 9.98 -26.63
CA GLU B 102 6.74 9.45 -27.85
C GLU B 102 7.09 8.00 -27.51
N ARG B 103 6.45 7.07 -28.21
CA ARG B 103 6.62 5.65 -27.99
C ARG B 103 7.61 5.00 -28.97
N LEU B 104 8.62 4.32 -28.43
CA LEU B 104 9.63 3.62 -29.23
C LEU B 104 9.50 2.13 -28.95
N ASP B 105 9.23 1.33 -29.98
CA ASP B 105 9.07 -0.11 -29.80
C ASP B 105 10.24 -0.99 -30.17
N TYR B 106 10.46 -2.00 -29.33
CA TYR B 106 11.53 -2.98 -29.51
C TYR B 106 10.95 -4.36 -29.22
N PRO B 107 11.46 -5.40 -29.90
CA PRO B 107 10.94 -6.76 -29.66
C PRO B 107 11.20 -7.15 -28.20
N TYR B 108 10.30 -7.95 -27.63
CA TYR B 108 10.48 -8.39 -26.25
C TYR B 108 11.76 -9.21 -26.21
N GLY B 109 12.70 -8.80 -25.35
CA GLY B 109 13.96 -9.49 -25.24
C GLY B 109 15.11 -8.56 -25.58
N ASP B 110 14.79 -7.47 -26.29
CA ASP B 110 15.76 -6.46 -26.69
C ASP B 110 15.76 -5.29 -25.72
N THR B 111 16.71 -4.38 -25.93
CA THR B 111 16.83 -3.18 -25.13
C THR B 111 17.08 -2.00 -26.06
N PRO B 112 16.81 -0.77 -25.61
CA PRO B 112 17.02 0.44 -26.40
C PRO B 112 18.47 0.73 -26.77
N ARG B 113 18.65 1.36 -27.92
CA ARG B 113 19.96 1.76 -28.45
C ARG B 113 20.18 3.21 -28.00
N PRO B 114 21.42 3.55 -27.59
CA PRO B 114 21.72 4.92 -27.16
C PRO B 114 21.42 5.98 -28.23
N GLU B 115 21.57 5.61 -29.50
CA GLU B 115 21.31 6.54 -30.60
C GLU B 115 19.83 6.76 -30.87
N ASP B 116 18.98 5.88 -30.32
CA ASP B 116 17.53 6.01 -30.50
C ASP B 116 16.94 7.00 -29.50
N VAL B 117 17.62 7.16 -28.36
CA VAL B 117 17.14 8.09 -27.33
C VAL B 117 17.82 9.44 -27.42
N ALA B 118 18.78 9.57 -28.34
CA ALA B 118 19.51 10.83 -28.54
C ALA B 118 18.68 11.76 -29.42
N LYS B 119 17.48 12.09 -28.96
CA LYS B 119 16.56 12.96 -29.68
C LYS B 119 16.38 14.28 -28.96
N GLU B 120 16.22 15.34 -29.74
CA GLU B 120 16.06 16.68 -29.20
C GLU B 120 14.57 17.04 -29.01
N GLY B 121 14.29 17.88 -28.00
CA GLY B 121 12.93 18.32 -27.74
C GLY B 121 12.12 17.50 -26.74
N TYR B 122 12.75 17.06 -25.66
CA TYR B 122 12.08 16.26 -24.63
C TYR B 122 12.46 16.71 -23.23
N ALA B 123 11.46 16.70 -22.34
CA ALA B 123 11.68 17.10 -20.96
C ALA B 123 12.15 15.89 -20.13
N GLY B 124 11.88 14.69 -20.64
CA GLY B 124 12.29 13.51 -19.90
C GLY B 124 12.33 12.20 -20.67
N LEU B 125 12.99 11.23 -20.05
CA LEU B 125 13.17 9.90 -20.59
C LEU B 125 12.83 8.91 -19.47
N LEU B 126 11.99 7.92 -19.77
CA LEU B 126 11.59 6.92 -18.78
C LEU B 126 12.12 5.56 -19.20
N LEU B 127 12.95 4.97 -18.34
CA LEU B 127 13.57 3.68 -18.63
C LEU B 127 13.37 2.60 -17.58
N VAL B 128 13.28 1.35 -18.04
CA VAL B 128 13.15 0.22 -17.13
C VAL B 128 14.52 -0.47 -17.14
N HIS B 129 15.24 -0.29 -16.03
CA HIS B 129 16.58 -0.85 -15.88
C HIS B 129 16.60 -2.36 -16.11
N SER B 130 15.84 -3.10 -15.30
CA SER B 130 15.74 -4.54 -15.42
C SER B 130 14.31 -4.92 -15.82
N GLU B 131 14.13 -5.26 -17.09
CA GLU B 131 12.82 -5.63 -17.62
C GLU B 131 12.54 -7.10 -17.24
N THR B 132 12.01 -7.27 -16.05
CA THR B 132 11.70 -8.60 -15.47
C THR B 132 10.91 -9.55 -16.37
N SER B 133 10.00 -8.99 -17.16
CA SER B 133 9.17 -9.79 -18.04
C SER B 133 9.97 -10.54 -19.11
N THR B 134 11.09 -9.96 -19.53
CA THR B 134 11.93 -10.59 -20.57
C THR B 134 13.31 -11.03 -20.09
N GLY B 135 13.73 -10.51 -18.94
CA GLY B 135 15.05 -10.85 -18.40
C GLY B 135 16.15 -9.96 -18.96
N ALA B 136 15.78 -8.91 -19.67
CA ALA B 136 16.75 -7.99 -20.27
C ALA B 136 17.19 -6.86 -19.34
N LEU B 137 18.49 -6.53 -19.42
CA LEU B 137 19.05 -5.45 -18.61
C LEU B 137 19.45 -4.32 -19.56
N ALA B 138 18.83 -3.15 -19.38
CA ALA B 138 19.12 -1.99 -20.22
C ALA B 138 20.41 -1.31 -19.76
N ASP B 139 21.16 -0.76 -20.71
CA ASP B 139 22.41 -0.07 -20.41
C ASP B 139 22.07 1.36 -19.98
N LEU B 140 21.63 1.48 -18.73
CA LEU B 140 21.21 2.73 -18.13
C LEU B 140 22.15 3.94 -18.30
N PRO B 141 23.43 3.80 -17.92
CA PRO B 141 24.39 4.91 -18.04
C PRO B 141 24.52 5.47 -19.45
N ALA B 142 24.62 4.56 -20.43
CA ALA B 142 24.76 4.93 -21.83
C ALA B 142 23.53 5.62 -22.40
N LEU B 143 22.35 5.13 -22.04
CA LEU B 143 21.09 5.69 -22.50
C LEU B 143 20.86 7.08 -21.92
N ALA B 144 21.10 7.22 -20.62
CA ALA B 144 20.93 8.49 -19.95
C ALA B 144 21.87 9.55 -20.53
N ARG B 145 23.12 9.14 -20.75
CA ARG B 145 24.18 10.00 -21.28
C ARG B 145 23.88 10.48 -22.71
N ALA B 146 23.38 9.59 -23.56
CA ALA B 146 23.05 9.96 -24.94
C ALA B 146 21.85 10.93 -24.96
N PHE B 147 20.94 10.76 -24.00
CA PHE B 147 19.75 11.60 -23.89
C PHE B 147 20.08 12.98 -23.31
N LYS B 148 20.88 12.99 -22.24
CA LYS B 148 21.29 14.25 -21.60
C LYS B 148 22.01 15.19 -22.57
N GLU B 149 22.82 14.63 -23.47
CA GLU B 149 23.57 15.41 -24.45
C GLU B 149 22.68 16.24 -25.36
N LYS B 150 21.53 15.69 -25.74
CA LYS B 150 20.59 16.40 -26.60
C LYS B 150 19.57 17.20 -25.78
N ASN B 151 19.43 16.86 -24.51
CA ASN B 151 18.49 17.54 -23.63
C ASN B 151 19.16 17.78 -22.27
N PRO B 152 20.02 18.80 -22.18
CA PRO B 152 20.76 19.17 -20.97
C PRO B 152 19.90 19.46 -19.73
N GLU B 153 18.67 19.94 -19.95
CA GLU B 153 17.77 20.23 -18.83
C GLU B 153 16.74 19.12 -18.60
N GLY B 154 16.89 18.01 -19.33
CA GLY B 154 15.97 16.90 -19.20
C GLY B 154 16.18 16.03 -17.96
N LEU B 155 15.17 15.25 -17.63
CA LEU B 155 15.23 14.34 -16.48
C LEU B 155 15.16 12.90 -16.94
N VAL B 156 15.88 12.03 -16.23
CA VAL B 156 15.90 10.62 -16.54
C VAL B 156 15.33 9.83 -15.36
N GLY B 157 14.18 9.20 -15.58
CA GLY B 157 13.54 8.42 -14.54
C GLY B 157 13.67 6.94 -14.85
N ALA B 158 14.03 6.14 -13.85
CA ALA B 158 14.22 4.71 -14.07
C ALA B 158 13.42 3.80 -13.15
N ASP B 159 13.00 2.66 -13.70
CA ASP B 159 12.27 1.64 -12.95
C ASP B 159 13.40 0.71 -12.51
N MET B 160 13.75 0.73 -11.23
CA MET B 160 14.80 -0.15 -10.71
C MET B 160 14.21 -1.19 -9.74
N VAL B 161 12.95 -1.57 -9.98
CA VAL B 161 12.28 -2.53 -9.12
C VAL B 161 13.03 -3.87 -9.00
N THR B 162 13.54 -4.39 -10.12
CA THR B 162 14.30 -5.65 -10.06
C THR B 162 15.81 -5.50 -10.22
N SER B 163 16.34 -4.30 -9.98
CA SER B 163 17.78 -4.11 -10.07
C SER B 163 18.35 -3.74 -8.70
N LEU B 164 17.53 -3.09 -7.87
CA LEU B 164 17.95 -2.70 -6.53
C LEU B 164 18.27 -3.94 -5.70
N LEU B 165 19.49 -3.97 -5.16
CA LEU B 165 20.01 -5.07 -4.34
C LEU B 165 20.18 -6.38 -5.10
N VAL B 166 20.10 -6.31 -6.42
CA VAL B 166 20.27 -7.50 -7.27
C VAL B 166 21.46 -7.26 -8.19
N GLY B 167 21.55 -6.03 -8.71
CA GLY B 167 22.63 -5.66 -9.59
C GLY B 167 23.18 -4.30 -9.19
N GLU B 168 24.18 -3.82 -9.94
CA GLU B 168 24.80 -2.53 -9.66
C GLU B 168 23.80 -1.41 -9.96
N VAL B 169 23.59 -0.54 -8.99
CA VAL B 169 22.66 0.57 -9.11
C VAL B 169 23.24 1.87 -8.56
N ALA B 170 22.89 2.98 -9.20
CA ALA B 170 23.32 4.31 -8.79
C ALA B 170 22.37 5.32 -9.40
N LEU B 171 22.26 6.48 -8.76
CA LEU B 171 21.38 7.52 -9.27
C LEU B 171 22.13 8.54 -10.13
N GLU B 172 22.68 9.57 -9.51
CA GLU B 172 23.40 10.61 -10.25
C GLU B 172 24.67 10.13 -10.95
N ALA B 173 25.33 9.12 -10.39
CA ALA B 173 26.54 8.57 -10.98
C ALA B 173 26.24 7.90 -12.32
N MET B 174 25.02 7.40 -12.48
CA MET B 174 24.63 6.75 -13.73
C MET B 174 23.89 7.73 -14.63
N GLY B 175 23.77 8.98 -14.18
CA GLY B 175 23.06 9.98 -14.96
C GLY B 175 21.55 9.91 -14.78
N VAL B 176 21.11 9.17 -13.78
CA VAL B 176 19.68 9.00 -13.49
C VAL B 176 19.24 9.96 -12.37
N ASP B 177 18.18 10.71 -12.65
CA ASP B 177 17.66 11.70 -11.69
C ASP B 177 16.68 11.17 -10.67
N ALA B 178 15.91 10.14 -11.05
CA ALA B 178 14.93 9.56 -10.14
C ALA B 178 14.69 8.09 -10.43
N ALA B 179 14.46 7.32 -9.37
CA ALA B 179 14.22 5.89 -9.51
C ALA B 179 13.12 5.37 -8.60
N ALA B 180 12.49 4.29 -9.04
CA ALA B 180 11.42 3.67 -8.28
C ALA B 180 11.78 2.20 -8.03
N SER B 181 11.36 1.70 -6.88
CA SER B 181 11.62 0.32 -6.53
C SER B 181 10.52 -0.18 -5.62
N GLY B 182 10.57 -1.46 -5.27
CA GLY B 182 9.58 -2.06 -4.41
C GLY B 182 10.21 -3.01 -3.39
N SER B 183 9.39 -3.56 -2.52
CA SER B 183 9.88 -4.45 -1.47
C SER B 183 9.91 -5.95 -1.73
N GLN B 184 9.11 -6.46 -2.66
CA GLN B 184 9.06 -7.90 -2.89
C GLN B 184 10.02 -8.56 -3.89
N1 LLP B 185 8.59 -2.92 -12.53
C2 LLP B 185 9.26 -4.11 -12.56
C2' LLP B 185 10.38 -4.19 -13.58
C3 LLP B 185 8.89 -5.12 -11.69
O3 LLP B 185 9.61 -6.23 -11.81
C4 LLP B 185 7.83 -4.94 -10.76
C4' LLP B 185 7.51 -6.15 -9.84
C5 LLP B 185 7.16 -3.71 -10.75
C6 LLP B 185 7.57 -2.75 -11.65
C5' LLP B 185 6.02 -3.33 -9.84
OP4 LLP B 185 5.01 -4.29 -9.67
P LLP B 185 4.06 -4.23 -8.45
OP1 LLP B 185 3.23 -5.42 -8.68
OP2 LLP B 185 3.33 -2.93 -8.54
OP3 LLP B 185 4.90 -4.33 -7.24
N LLP B 185 10.98 -7.81 -4.43
CA LLP B 185 11.95 -8.35 -5.38
CB LLP B 185 12.17 -7.38 -6.56
CG LLP B 185 10.94 -7.09 -7.47
CD LLP B 185 9.85 -8.14 -7.37
CE LLP B 185 8.63 -7.91 -8.29
NZ LLP B 185 8.59 -6.73 -9.21
C LLP B 185 13.27 -8.58 -4.63
O LLP B 185 13.32 -9.33 -3.66
N GLY B 186 14.33 -7.89 -5.04
CA GLY B 186 15.64 -8.05 -4.40
C GLY B 186 15.72 -7.84 -2.90
N LEU B 187 14.82 -7.03 -2.34
CA LEU B 187 14.84 -6.78 -0.90
C LEU B 187 14.42 -7.99 -0.07
N MET B 188 13.82 -8.98 -0.72
CA MET B 188 13.38 -10.21 -0.05
C MET B 188 12.39 -9.95 1.09
N CYS B 189 11.57 -8.93 0.92
CA CYS B 189 10.55 -8.56 1.90
C CYS B 189 9.18 -8.82 1.27
N PRO B 190 8.12 -8.78 2.08
CA PRO B 190 6.77 -9.01 1.55
C PRO B 190 6.35 -7.81 0.71
N PRO B 191 5.38 -8.01 -0.20
CA PRO B 191 4.93 -6.89 -1.03
C PRO B 191 4.13 -5.92 -0.14
N GLY B 192 4.12 -4.64 -0.50
CA GLY B 192 3.38 -3.67 0.28
C GLY B 192 4.03 -2.30 0.38
N LEU B 193 5.29 -2.18 -0.02
CA LEU B 193 6.00 -0.90 0.02
C LEU B 193 6.57 -0.54 -1.35
N GLY B 194 6.62 0.76 -1.61
CA GLY B 194 7.16 1.28 -2.85
C GLY B 194 8.17 2.35 -2.46
N PHE B 195 9.22 2.50 -3.25
CA PHE B 195 10.26 3.48 -2.94
C PHE B 195 10.51 4.43 -4.11
N VAL B 196 10.71 5.70 -3.78
CA VAL B 196 11.01 6.72 -4.79
C VAL B 196 12.30 7.43 -4.37
N ALA B 197 13.35 7.22 -5.15
CA ALA B 197 14.65 7.83 -4.87
C ALA B 197 14.77 9.07 -5.73
N LEU B 198 15.06 10.20 -5.10
CA LEU B 198 15.20 11.47 -5.79
C LEU B 198 16.59 12.05 -5.61
N SER B 199 17.27 12.33 -6.72
CA SER B 199 18.61 12.92 -6.67
C SER B 199 18.45 14.39 -6.30
N PRO B 200 19.53 15.06 -5.84
CA PRO B 200 19.44 16.48 -5.48
C PRO B 200 18.88 17.29 -6.64
N ARG B 201 19.18 16.82 -7.85
CA ARG B 201 18.75 17.44 -9.10
C ARG B 201 17.23 17.37 -9.23
N ALA B 202 16.67 16.18 -8.98
CA ALA B 202 15.23 15.96 -9.06
C ALA B 202 14.47 16.70 -7.96
N LEU B 203 15.03 16.73 -6.76
CA LEU B 203 14.43 17.42 -5.61
C LEU B 203 14.19 18.90 -5.90
N GLU B 204 15.07 19.46 -6.72
CA GLU B 204 15.02 20.86 -7.11
C GLU B 204 13.99 21.11 -8.23
N ARG B 205 13.64 20.05 -8.95
CA ARG B 205 12.68 20.13 -10.06
C ARG B 205 11.30 19.59 -9.66
N LEU B 206 11.08 19.36 -8.37
CA LEU B 206 9.82 18.80 -7.89
C LEU B 206 8.56 19.60 -8.24
N LYS B 207 7.66 18.96 -8.99
CA LYS B 207 6.38 19.55 -9.41
C LYS B 207 5.31 18.74 -8.65
N PRO B 208 5.10 19.04 -7.35
CA PRO B 208 4.12 18.35 -6.51
C PRO B 208 2.70 18.31 -7.07
N ARG B 209 2.13 17.11 -7.13
CA ARG B 209 0.76 16.95 -7.60
C ARG B 209 0.11 15.58 -7.33
N GLY B 210 -1.21 15.61 -7.12
CA GLY B 210 -1.95 14.41 -6.79
C GLY B 210 -2.35 14.55 -5.32
N TYR B 211 -2.83 13.49 -4.69
CA TYR B 211 -3.18 13.62 -3.28
C TYR B 211 -2.44 12.62 -2.41
N TYR B 212 -2.81 11.36 -2.50
CA TYR B 212 -2.16 10.30 -1.73
C TYR B 212 -0.67 10.25 -2.08
N LEU B 213 -0.36 10.39 -3.37
CA LEU B 213 1.01 10.34 -3.85
C LEU B 213 1.74 11.68 -4.03
N ASP B 214 1.28 12.71 -3.34
CA ASP B 214 1.92 14.03 -3.39
C ASP B 214 3.25 13.85 -2.65
N LEU B 215 4.35 13.92 -3.39
CA LEU B 215 5.69 13.75 -2.81
C LEU B 215 6.20 14.88 -1.90
N ALA B 216 5.76 16.11 -2.13
CA ALA B 216 6.17 17.25 -1.29
C ALA B 216 5.64 17.01 0.12
N ARG B 217 4.40 16.50 0.17
CA ARG B 217 3.70 16.16 1.39
C ARG B 217 4.57 15.18 2.19
N GLU B 218 4.93 14.08 1.53
CA GLU B 218 5.74 13.02 2.12
C GLU B 218 7.14 13.48 2.53
N LEU B 219 7.77 14.29 1.69
CA LEU B 219 9.12 14.78 1.97
C LEU B 219 9.17 15.55 3.28
N LYS B 220 8.17 16.40 3.51
CA LYS B 220 8.07 17.20 4.73
C LYS B 220 7.99 16.28 5.95
N ALA B 221 7.11 15.29 5.87
CA ALA B 221 6.91 14.36 6.97
C ALA B 221 8.04 13.36 7.17
N GLN B 222 8.52 12.77 6.08
CA GLN B 222 9.58 11.77 6.17
C GLN B 222 10.95 12.27 6.62
N LYS B 223 11.15 13.59 6.55
CA LYS B 223 12.41 14.21 7.00
C LYS B 223 12.53 14.00 8.51
N GLU B 224 11.38 14.03 9.18
CA GLU B 224 11.28 13.87 10.63
C GLU B 224 11.01 12.44 11.10
N GLY B 225 11.02 11.49 10.16
CA GLY B 225 10.78 10.11 10.51
C GLY B 225 9.31 9.71 10.55
N GLU B 226 8.46 10.49 9.92
CA GLU B 226 7.02 10.20 9.87
C GLU B 226 6.61 10.10 8.41
N SER B 227 5.30 10.14 8.15
CA SER B 227 4.79 10.07 6.80
C SER B 227 3.44 10.76 6.73
N ALA B 228 2.99 11.04 5.51
CA ALA B 228 1.71 11.72 5.30
C ALA B 228 0.53 10.97 5.93
N TRP B 229 0.49 9.65 5.72
CA TRP B 229 -0.59 8.82 6.25
C TRP B 229 0.03 7.66 7.03
N THR B 230 -0.81 6.76 7.55
CA THR B 230 -0.28 5.62 8.29
C THR B 230 0.49 4.72 7.33
N PRO B 231 1.80 4.50 7.59
CA PRO B 231 2.61 3.65 6.73
C PRO B 231 2.54 2.20 7.19
N ALA B 232 2.91 1.27 6.32
CA ALA B 232 2.93 -0.14 6.68
C ALA B 232 4.20 -0.32 7.51
N ILE B 233 4.19 0.26 8.71
CA ILE B 233 5.32 0.24 9.63
C ILE B 233 5.95 -1.13 9.88
N ASN B 234 5.13 -2.19 9.93
CA ASN B 234 5.64 -3.54 10.15
C ASN B 234 6.61 -3.94 9.02
N LEU B 235 6.26 -3.57 7.80
CA LEU B 235 7.08 -3.84 6.62
C LEU B 235 8.34 -2.96 6.61
N VAL B 236 8.25 -1.76 7.16
CA VAL B 236 9.41 -0.86 7.20
C VAL B 236 10.46 -1.47 8.13
N LEU B 237 10.00 -2.16 9.17
CA LEU B 237 10.88 -2.82 10.13
C LEU B 237 11.65 -3.94 9.43
N ALA B 238 10.98 -4.63 8.52
CA ALA B 238 11.58 -5.73 7.76
C ALA B 238 12.62 -5.21 6.77
N VAL B 239 12.30 -4.12 6.07
CA VAL B 239 13.22 -3.53 5.12
C VAL B 239 14.50 -3.08 5.83
N ALA B 240 14.35 -2.45 7.00
CA ALA B 240 15.48 -1.99 7.77
C ALA B 240 16.38 -3.14 8.20
N ALA B 241 15.77 -4.20 8.74
CA ALA B 241 16.54 -5.36 9.18
C ALA B 241 17.33 -6.01 8.04
N VAL B 242 16.71 -6.15 6.86
CA VAL B 242 17.39 -6.74 5.73
C VAL B 242 18.56 -5.90 5.24
N LEU B 243 18.34 -4.59 5.09
CA LEU B 243 19.39 -3.69 4.64
C LEU B 243 20.57 -3.61 5.61
N GLU B 244 20.31 -3.69 6.90
CA GLU B 244 21.36 -3.65 7.91
C GLU B 244 22.30 -4.85 7.78
N GLU B 245 21.72 -5.99 7.43
CA GLU B 245 22.45 -7.23 7.27
C GLU B 245 23.17 -7.33 5.93
N VAL B 246 22.52 -6.84 4.87
CA VAL B 246 23.08 -6.91 3.52
C VAL B 246 24.05 -5.79 3.10
N LEU B 247 23.72 -4.53 3.39
CA LEU B 247 24.57 -3.40 3.00
C LEU B 247 26.08 -3.50 3.29
N PRO B 248 26.46 -3.95 4.50
CA PRO B 248 27.89 -4.08 4.82
C PRO B 248 28.64 -5.06 3.92
N ARG B 249 27.90 -5.99 3.32
CA ARG B 249 28.46 -7.00 2.42
C ARG B 249 27.79 -6.93 1.05
N LEU B 250 27.49 -5.70 0.61
CA LEU B 250 26.81 -5.46 -0.67
C LEU B 250 27.43 -6.13 -1.90
N GLU B 251 28.71 -5.86 -2.14
CA GLU B 251 29.40 -6.43 -3.30
C GLU B 251 29.39 -7.95 -3.29
N GLU B 252 29.52 -8.52 -2.09
CA GLU B 252 29.52 -9.96 -1.92
C GLU B 252 28.14 -10.49 -2.30
N HIS B 253 27.10 -9.74 -1.92
CA HIS B 253 25.72 -10.10 -2.20
C HIS B 253 25.42 -9.99 -3.69
N LEU B 254 25.93 -8.92 -4.32
CA LEU B 254 25.71 -8.72 -5.75
C LEU B 254 26.40 -9.80 -6.57
N ALA B 255 27.58 -10.22 -6.13
CA ALA B 255 28.35 -11.26 -6.81
C ALA B 255 27.61 -12.60 -6.71
N LEU B 256 27.02 -12.88 -5.55
CA LEU B 256 26.27 -14.13 -5.33
C LEU B 256 25.06 -14.19 -6.27
N LYS B 257 24.32 -13.09 -6.35
CA LYS B 257 23.14 -13.06 -7.20
C LYS B 257 23.44 -13.22 -8.68
N ALA B 258 24.56 -12.66 -9.13
CA ALA B 258 24.97 -12.77 -10.54
C ALA B 258 25.41 -14.21 -10.82
N TRP B 259 26.07 -14.83 -9.83
CA TRP B 259 26.54 -16.20 -9.95
C TRP B 259 25.36 -17.17 -10.04
N GLN B 260 24.37 -16.97 -9.17
CA GLN B 260 23.19 -17.82 -9.12
C GLN B 260 22.41 -17.79 -10.41
N ASN B 261 22.27 -16.59 -10.99
CA ASN B 261 21.54 -16.45 -12.25
C ASN B 261 22.34 -17.07 -13.39
N ALA B 262 23.66 -16.90 -13.34
CA ALA B 262 24.56 -17.47 -14.36
C ALA B 262 24.48 -19.00 -14.26
N LEU B 263 24.23 -19.49 -13.05
CA LEU B 263 24.11 -20.93 -12.83
C LEU B 263 22.88 -21.46 -13.54
N LEU B 264 21.78 -20.71 -13.46
CA LEU B 264 20.53 -21.10 -14.10
C LEU B 264 20.65 -21.10 -15.62
N TYR B 265 21.30 -20.07 -16.17
CA TYR B 265 21.49 -20.00 -17.61
C TYR B 265 22.40 -21.11 -18.09
N GLY B 266 23.45 -21.38 -17.31
CA GLY B 266 24.40 -22.43 -17.65
C GLY B 266 23.76 -23.81 -17.74
N VAL B 267 22.84 -24.11 -16.83
CA VAL B 267 22.14 -25.40 -16.82
C VAL B 267 21.18 -25.50 -17.99
N GLY B 268 20.43 -24.43 -18.25
CA GLY B 268 19.47 -24.42 -19.35
C GLY B 268 20.14 -24.53 -20.72
N GLU B 269 21.25 -23.80 -20.90
CA GLU B 269 21.99 -23.82 -22.16
C GLU B 269 22.63 -25.18 -22.36
N GLU B 270 23.11 -25.76 -21.28
CA GLU B 270 23.74 -27.07 -21.29
C GLU B 270 22.73 -28.09 -21.81
N GLY B 271 21.44 -27.77 -21.62
CA GLY B 271 20.38 -28.64 -22.08
C GLY B 271 19.79 -28.20 -23.42
N GLY B 272 20.44 -27.23 -24.06
CA GLY B 272 19.99 -26.76 -25.35
C GLY B 272 18.91 -25.68 -25.41
N LEU B 273 18.65 -24.99 -24.29
CA LEU B 273 17.64 -23.94 -24.28
C LEU B 273 18.19 -22.61 -24.79
N ARG B 274 17.32 -21.80 -25.39
CA ARG B 274 17.70 -20.50 -25.93
C ARG B 274 17.35 -19.40 -24.94
N PRO B 275 18.31 -18.52 -24.62
CA PRO B 275 18.00 -17.42 -23.68
C PRO B 275 17.10 -16.43 -24.43
N VAL B 276 16.17 -15.79 -23.73
CA VAL B 276 15.30 -14.82 -24.38
C VAL B 276 16.01 -13.50 -24.65
N PRO B 277 16.67 -12.92 -23.62
CA PRO B 277 17.37 -11.66 -23.81
C PRO B 277 18.80 -11.79 -24.35
N LYS B 278 19.39 -10.66 -24.69
CA LYS B 278 20.77 -10.61 -25.18
C LYS B 278 21.61 -10.15 -23.99
N ARG B 279 21.12 -9.13 -23.29
CA ARG B 279 21.76 -8.57 -22.10
C ARG B 279 21.05 -9.21 -20.90
N PHE B 280 21.77 -10.00 -20.12
CA PHE B 280 21.17 -10.68 -18.98
C PHE B 280 21.04 -9.85 -17.70
N SER B 281 19.85 -9.87 -17.12
CA SER B 281 19.60 -9.19 -15.85
C SER B 281 19.78 -10.26 -14.79
N PRO B 282 20.50 -9.95 -13.70
CA PRO B 282 20.73 -10.90 -12.60
C PRO B 282 19.47 -11.29 -11.83
N ALA B 283 18.35 -10.64 -12.17
CA ALA B 283 17.08 -10.87 -11.48
C ALA B 283 16.29 -12.11 -11.90
N VAL B 284 16.51 -12.57 -13.12
CA VAL B 284 15.77 -13.72 -13.62
C VAL B 284 16.43 -14.31 -14.87
N ALA B 285 16.17 -15.59 -15.11
CA ALA B 285 16.69 -16.30 -16.27
C ALA B 285 15.46 -16.67 -17.11
N ALA B 286 15.41 -16.14 -18.34
CA ALA B 286 14.29 -16.39 -19.23
C ALA B 286 14.68 -17.29 -20.40
N PHE B 287 13.92 -18.37 -20.59
CA PHE B 287 14.19 -19.33 -21.66
C PHE B 287 13.00 -19.58 -22.57
N TYR B 288 13.30 -19.83 -23.85
CA TYR B 288 12.26 -20.15 -24.81
C TYR B 288 11.98 -21.64 -24.57
N LEU B 289 10.73 -22.04 -24.74
CA LEU B 289 10.35 -23.44 -24.58
C LEU B 289 10.89 -24.26 -25.74
N PRO B 290 11.33 -25.50 -25.47
CA PRO B 290 11.85 -26.35 -26.54
C PRO B 290 10.71 -26.64 -27.51
N GLU B 291 11.06 -27.02 -28.74
CA GLU B 291 10.05 -27.30 -29.75
C GLU B 291 9.11 -28.43 -29.36
N GLY B 292 7.81 -28.17 -29.44
CA GLY B 292 6.80 -29.17 -29.13
C GLY B 292 6.32 -29.30 -27.69
N VAL B 293 7.06 -28.75 -26.73
CA VAL B 293 6.66 -28.84 -25.33
C VAL B 293 5.99 -27.56 -24.79
N PRO B 294 4.72 -27.69 -24.35
CA PRO B 294 3.89 -26.60 -23.80
C PRO B 294 4.39 -26.10 -22.44
N TYR B 295 3.98 -24.89 -22.08
CA TYR B 295 4.38 -24.30 -20.81
C TYR B 295 3.88 -25.14 -19.64
N ALA B 296 2.68 -25.69 -19.78
CA ALA B 296 2.05 -26.52 -18.76
C ALA B 296 2.89 -27.72 -18.30
N ARG B 297 3.65 -28.30 -19.22
CA ARG B 297 4.49 -29.47 -18.89
C ARG B 297 5.67 -29.07 -18.02
N VAL B 298 6.29 -27.93 -18.35
CA VAL B 298 7.42 -27.41 -17.60
C VAL B 298 6.92 -27.00 -16.22
N LYS B 299 5.78 -26.33 -16.23
CA LYS B 299 5.09 -25.83 -15.05
C LYS B 299 4.81 -26.99 -14.08
N GLU B 300 4.17 -28.03 -14.61
CA GLU B 300 3.81 -29.21 -13.83
C GLU B 300 5.01 -30.02 -13.32
N ALA B 301 6.06 -30.11 -14.14
CA ALA B 301 7.26 -30.85 -13.76
C ALA B 301 7.98 -30.22 -12.57
N PHE B 302 7.95 -28.89 -12.50
CA PHE B 302 8.57 -28.15 -11.39
C PHE B 302 7.66 -28.24 -10.15
N ALA B 303 6.35 -28.20 -10.39
CA ALA B 303 5.37 -28.27 -9.31
C ALA B 303 5.47 -29.61 -8.58
N GLN B 304 5.73 -30.67 -9.34
CA GLN B 304 5.86 -32.02 -8.79
C GLN B 304 7.08 -32.10 -7.87
N ARG B 305 8.04 -31.22 -8.10
CA ARG B 305 9.27 -31.15 -7.30
C ARG B 305 9.08 -30.15 -6.14
N GLY B 306 7.91 -29.51 -6.10
CA GLY B 306 7.61 -28.55 -5.06
C GLY B 306 8.12 -27.15 -5.35
N ALA B 307 8.18 -26.78 -6.63
CA ALA B 307 8.66 -25.47 -7.04
C ALA B 307 7.62 -24.69 -7.84
N VAL B 308 7.58 -23.39 -7.63
CA VAL B 308 6.65 -22.51 -8.34
C VAL B 308 7.47 -21.66 -9.29
N ILE B 309 7.10 -21.70 -10.58
CA ILE B 309 7.80 -20.92 -11.60
C ILE B 309 6.87 -19.90 -12.25
N ALA B 310 7.39 -19.17 -13.23
CA ALA B 310 6.60 -18.15 -13.91
C ALA B 310 6.68 -18.35 -15.42
N GLY B 311 5.69 -17.82 -16.12
CA GLY B 311 5.65 -17.94 -17.57
C GLY B 311 5.85 -16.61 -18.26
N GLY B 312 5.50 -16.56 -19.54
CA GLY B 312 5.64 -15.33 -20.29
C GLY B 312 4.37 -14.50 -20.35
N GLN B 313 4.52 -13.25 -20.78
CA GLN B 313 3.40 -12.32 -20.90
C GLN B 313 3.44 -11.62 -22.26
N GLY B 314 2.27 -11.25 -22.76
CA GLY B 314 2.18 -10.58 -24.05
C GLY B 314 2.52 -11.52 -25.18
N PRO B 315 3.49 -11.15 -26.04
CA PRO B 315 3.92 -11.96 -27.17
C PRO B 315 4.68 -13.21 -26.73
N LEU B 316 5.14 -13.21 -25.48
CA LEU B 316 5.89 -14.32 -24.90
C LEU B 316 4.99 -15.35 -24.21
N LYS B 317 3.71 -14.99 -24.04
CA LYS B 317 2.72 -15.86 -23.39
C LYS B 317 2.65 -17.22 -24.09
N GLY B 318 3.05 -18.27 -23.36
CA GLY B 318 3.03 -19.62 -23.90
C GLY B 318 4.25 -20.02 -24.71
N LYS B 319 5.23 -19.12 -24.83
CA LYS B 319 6.44 -19.38 -25.59
C LYS B 319 7.70 -19.52 -24.72
N VAL B 320 7.61 -19.05 -23.47
CA VAL B 320 8.77 -19.09 -22.57
C VAL B 320 8.44 -19.47 -21.12
N PHE B 321 9.49 -19.54 -20.29
CA PHE B 321 9.34 -19.79 -18.86
C PHE B 321 10.44 -19.04 -18.09
N ARG B 322 10.22 -18.46 -17.03
CA ARG B 322 11.23 -17.78 -16.23
C ARG B 322 11.51 -18.54 -14.93
N LEU B 323 12.64 -18.55 -14.50
CA LEU B 323 13.27 -19.01 -13.23
C LEU B 323 14.05 -17.88 -12.51
N SER B 324 13.88 -17.78 -11.20
CA SER B 324 14.56 -16.75 -10.43
C SER B 324 15.03 -17.17 -9.05
N LEU B 325 16.29 -16.86 -8.76
CA LEU B 325 16.90 -17.15 -7.46
C LEU B 325 17.14 -15.83 -6.74
N MET B 326 16.33 -14.84 -7.07
CA MET B 326 16.40 -13.51 -6.48
C MET B 326 16.06 -13.53 -4.98
N GLY B 327 15.29 -14.53 -4.57
CA GLY B 327 14.91 -14.64 -3.17
C GLY B 327 16.05 -14.96 -2.21
N ALA B 328 15.70 -15.23 -0.95
CA ALA B 328 16.68 -15.54 0.08
C ALA B 328 17.23 -16.96 -0.04
N TYR B 329 18.12 -17.15 -1.01
CA TYR B 329 18.75 -18.44 -1.28
C TYR B 329 20.26 -18.26 -1.24
N ASP B 330 20.97 -19.22 -0.64
CA ASP B 330 22.42 -19.14 -0.59
C ASP B 330 23.06 -19.95 -1.71
N ARG B 331 24.38 -19.98 -1.72
CA ARG B 331 25.21 -20.68 -2.69
C ARG B 331 24.75 -22.13 -2.92
N TYR B 332 24.58 -22.88 -1.83
CA TYR B 332 24.21 -24.29 -1.90
C TYR B 332 22.77 -24.62 -2.18
N GLU B 333 21.85 -23.73 -1.81
CA GLU B 333 20.45 -23.95 -2.12
C GLU B 333 20.33 -23.73 -3.62
N ALA B 334 21.15 -22.82 -4.15
CA ALA B 334 21.16 -22.53 -5.59
C ALA B 334 21.60 -23.78 -6.36
N LEU B 335 22.60 -24.49 -5.82
CA LEU B 335 23.09 -25.71 -6.45
C LEU B 335 21.99 -26.78 -6.41
N GLY B 336 21.18 -26.75 -5.36
CA GLY B 336 20.09 -27.69 -5.23
C GLY B 336 19.08 -27.45 -6.34
N VAL B 337 18.80 -26.18 -6.62
CA VAL B 337 17.87 -25.79 -7.67
C VAL B 337 18.42 -26.18 -9.04
N ALA B 338 19.73 -26.04 -9.22
CA ALA B 338 20.38 -26.40 -10.46
C ALA B 338 20.12 -27.89 -10.73
N GLY B 339 20.21 -28.67 -9.66
CA GLY B 339 19.97 -30.10 -9.75
C GLY B 339 18.51 -30.41 -10.05
N MET B 340 17.62 -29.58 -9.51
CA MET B 340 16.17 -29.74 -9.73
C MET B 340 15.88 -29.43 -11.20
N PHE B 341 16.53 -28.39 -11.71
CA PHE B 341 16.40 -27.95 -13.09
C PHE B 341 16.88 -29.05 -14.05
N ARG B 342 18.00 -29.70 -13.70
CA ARG B 342 18.55 -30.80 -14.51
C ARG B 342 17.47 -31.87 -14.70
N GLU B 343 16.85 -32.26 -13.59
CA GLU B 343 15.81 -33.27 -13.59
C GLU B 343 14.64 -32.93 -14.49
N VAL B 344 14.17 -31.69 -14.41
CA VAL B 344 13.06 -31.24 -15.22
C VAL B 344 13.37 -31.36 -16.72
N LEU B 345 14.60 -31.01 -17.09
CA LEU B 345 15.04 -31.08 -18.47
C LEU B 345 15.21 -32.53 -18.92
N GLU B 346 15.79 -33.34 -18.04
CA GLU B 346 16.04 -34.76 -18.30
C GLU B 346 14.72 -35.52 -18.44
N GLU B 347 13.66 -34.95 -17.88
CA GLU B 347 12.33 -35.57 -17.94
C GLU B 347 11.49 -35.01 -19.07
N ILE B 348 11.68 -33.72 -19.36
CA ILE B 348 10.92 -33.05 -20.40
C ILE B 348 11.51 -33.22 -21.80
N LEU B 349 12.81 -33.47 -21.88
CA LEU B 349 13.48 -33.68 -23.16
C LEU B 349 13.92 -35.12 -23.34
P PO4 C . -3.27 9.71 10.00
O1 PO4 C . -1.80 9.79 9.58
O2 PO4 C . -3.68 10.96 10.80
O3 PO4 C . -4.19 9.52 8.80
O4 PO4 C . -3.40 8.46 10.95
P PO4 D . 2.25 -7.20 -11.75
O1 PO4 D . 3.26 -8.01 -12.58
O2 PO4 D . 2.94 -6.06 -11.00
O3 PO4 D . 1.11 -6.66 -12.61
O4 PO4 D . 1.66 -8.20 -10.68
#